data_9FY6
#
_entry.id   9FY6
#
_cell.length_a   1.00
_cell.length_b   1.00
_cell.length_c   1.00
_cell.angle_alpha   90.00
_cell.angle_beta   90.00
_cell.angle_gamma   90.00
#
_symmetry.space_group_name_H-M   'P 1'
#
_entity_poly.entity_id   1
_entity_poly.type   'polypeptide(L)'
_entity_poly.pdbx_seq_one_letter_code
;MGKTQLFPDSPLTDQDFSQLDQTVIDTARRQLIGRRFIELYGPLGRGIQSIFNDVFIENYEAKMDFQGSFDTDIETSKRV
NYTIPLLYKDFVLYWRDLEQAKVLDIPIDFSAAANAARDVAILEDQMIFYGSKEFDIPGLMNVKGRSTHLIGNWYESGNA
FQDVVEARNKLLEMKHNGPFALVLSPELYSLLHRVHKDTNVLEIEHVRELVTDGVFQTPVLKGKTGVLVNTGRNNLDLAV
SEDFDTAYLGEEGMNHPFRVYETVVLRIKRPSAICTLEDGGE
;
_entity_poly.pdbx_strand_id   A,B,C,D
#
# COMPACT_ATOMS: atom_id res chain seq x y z
N GLY A 2 -23.71 -46.53 -23.51
CA GLY A 2 -23.39 -46.38 -22.10
C GLY A 2 -22.82 -47.64 -21.49
N LYS A 3 -23.17 -47.89 -20.23
CA LYS A 3 -22.68 -49.09 -19.55
C LYS A 3 -23.25 -50.37 -20.15
N THR A 4 -24.35 -50.28 -20.90
CA THR A 4 -24.90 -51.45 -21.57
C THR A 4 -23.92 -51.98 -22.62
N GLN A 5 -23.25 -51.08 -23.34
CA GLN A 5 -22.26 -51.51 -24.31
C GLN A 5 -21.09 -52.22 -23.64
N LEU A 6 -20.67 -51.73 -22.48
CA LEU A 6 -19.58 -52.36 -21.75
C LEU A 6 -19.94 -53.79 -21.34
N PHE A 7 -21.18 -53.99 -20.88
CA PHE A 7 -21.65 -55.30 -20.43
C PHE A 7 -22.96 -55.62 -21.14
N PRO A 8 -22.89 -56.06 -22.40
CA PRO A 8 -24.11 -56.40 -23.14
C PRO A 8 -24.88 -57.57 -22.54
N ASP A 9 -24.22 -58.41 -21.74
CA ASP A 9 -24.87 -59.55 -21.10
C ASP A 9 -25.31 -59.25 -19.67
N SER A 10 -25.67 -58.00 -19.39
CA SER A 10 -26.10 -57.64 -18.06
C SER A 10 -27.62 -57.71 -17.94
N PRO A 11 -28.13 -58.25 -16.84
CA PRO A 11 -29.59 -58.32 -16.66
C PRO A 11 -30.25 -56.95 -16.65
N LEU A 12 -29.58 -55.93 -16.14
CA LEU A 12 -30.16 -54.61 -16.01
C LEU A 12 -30.24 -53.92 -17.38
N THR A 13 -30.83 -52.74 -17.38
CA THR A 13 -30.95 -51.90 -18.58
C THR A 13 -30.18 -50.60 -18.33
N ASP A 14 -30.23 -49.69 -19.30
CA ASP A 14 -29.52 -48.42 -19.16
C ASP A 14 -30.04 -47.62 -17.98
N GLN A 15 -31.36 -47.55 -17.81
CA GLN A 15 -31.93 -46.81 -16.69
C GLN A 15 -31.51 -47.42 -15.36
N ASP A 16 -31.53 -48.75 -15.26
CA ASP A 16 -31.12 -49.40 -14.02
C ASP A 16 -29.65 -49.16 -13.72
N PHE A 17 -28.81 -49.20 -14.75
CA PHE A 17 -27.38 -48.91 -14.56
C PHE A 17 -27.18 -47.48 -14.10
N SER A 18 -27.92 -46.54 -14.70
CA SER A 18 -27.80 -45.13 -14.28
C SER A 18 -28.24 -44.97 -12.83
N GLN A 19 -29.33 -45.62 -12.43
CA GLN A 19 -29.77 -45.55 -11.05
C GLN A 19 -28.74 -46.14 -10.10
N LEU A 20 -28.13 -47.26 -10.48
CA LEU A 20 -27.11 -47.88 -9.65
C LEU A 20 -25.91 -46.96 -9.49
N ASP A 21 -25.46 -46.34 -10.59
CA ASP A 21 -24.34 -45.40 -10.51
C ASP A 21 -24.69 -44.21 -9.63
N GLN A 22 -25.91 -43.68 -9.76
CA GLN A 22 -26.33 -42.57 -8.93
C GLN A 22 -26.32 -42.95 -7.46
N THR A 23 -26.83 -44.14 -7.14
CA THR A 23 -26.82 -44.60 -5.76
C THR A 23 -25.40 -44.72 -5.24
N VAL A 24 -24.50 -45.28 -6.03
CA VAL A 24 -23.13 -45.49 -5.59
C VAL A 24 -22.45 -44.14 -5.32
N ILE A 25 -22.59 -43.19 -6.24
CA ILE A 25 -21.91 -41.92 -6.06
C ILE A 25 -22.52 -41.13 -4.92
N ASP A 26 -23.84 -41.20 -4.75
CA ASP A 26 -24.48 -40.49 -3.63
C ASP A 26 -24.04 -41.07 -2.29
N THR A 27 -23.95 -42.41 -2.20
CA THR A 27 -23.47 -43.01 -0.96
C THR A 27 -22.01 -42.65 -0.69
N ALA A 28 -21.19 -42.63 -1.75
CA ALA A 28 -19.79 -42.29 -1.56
C ALA A 28 -19.61 -40.85 -1.11
N ARG A 29 -20.40 -39.93 -1.66
CA ARG A 29 -20.22 -38.51 -1.35
C ARG A 29 -20.47 -38.22 0.12
N ARG A 30 -21.49 -38.83 0.71
CA ARG A 30 -21.86 -38.54 2.09
C ARG A 30 -20.91 -39.16 3.10
N GLN A 31 -19.99 -40.01 2.68
CA GLN A 31 -19.10 -40.71 3.61
C GLN A 31 -17.64 -40.29 3.51
N LEU A 32 -17.26 -39.60 2.44
CA LEU A 32 -15.86 -39.22 2.24
C LEU A 32 -15.55 -37.96 3.06
N ILE A 33 -14.66 -38.12 4.04
CA ILE A 33 -14.26 -37.00 4.88
C ILE A 33 -13.04 -36.28 4.32
N GLY A 34 -12.04 -37.04 3.85
CA GLY A 34 -10.81 -36.44 3.38
C GLY A 34 -10.96 -35.58 2.15
N ARG A 35 -12.00 -35.82 1.34
CA ARG A 35 -12.21 -35.03 0.13
C ARG A 35 -12.83 -33.67 0.40
N ARG A 36 -13.22 -33.39 1.64
CA ARG A 36 -13.83 -32.11 1.97
C ARG A 36 -12.81 -30.97 2.06
N PHE A 37 -11.53 -31.30 2.27
CA PHE A 37 -10.52 -30.25 2.40
C PHE A 37 -9.24 -30.57 1.65
N ILE A 38 -9.27 -31.52 0.72
CA ILE A 38 -8.11 -31.87 -0.08
C ILE A 38 -8.50 -31.79 -1.55
N GLU A 39 -7.71 -31.06 -2.33
CA GLU A 39 -8.00 -30.91 -3.75
C GLU A 39 -7.63 -32.18 -4.51
N LEU A 40 -8.24 -32.35 -5.67
CA LEU A 40 -8.07 -33.54 -6.49
C LEU A 40 -7.27 -33.21 -7.74
N TYR A 41 -6.16 -33.92 -7.93
CA TYR A 41 -5.48 -33.88 -9.22
C TYR A 41 -6.34 -34.59 -10.24
N GLY A 42 -6.58 -33.92 -11.38
CA GLY A 42 -7.53 -34.37 -12.37
C GLY A 42 -7.38 -35.82 -12.75
N PRO A 43 -8.49 -36.46 -13.11
CA PRO A 43 -8.45 -37.88 -13.50
C PRO A 43 -7.49 -38.14 -14.65
N LEU A 44 -6.43 -38.88 -14.38
CA LEU A 44 -5.40 -39.10 -15.39
C LEU A 44 -5.88 -40.09 -16.45
N GLY A 45 -6.24 -41.30 -16.03
CA GLY A 45 -6.73 -42.32 -16.92
C GLY A 45 -6.07 -43.65 -16.65
N ARG A 46 -6.23 -44.57 -17.60
CA ARG A 46 -5.67 -45.91 -17.49
C ARG A 46 -4.26 -46.01 -18.05
N GLY A 47 -3.71 -44.92 -18.58
CA GLY A 47 -2.39 -44.93 -19.16
C GLY A 47 -1.24 -44.83 -18.19
N ILE A 48 -1.53 -44.78 -16.89
CA ILE A 48 -0.50 -44.66 -15.87
C ILE A 48 -0.74 -45.71 -14.79
N GLN A 49 0.34 -46.09 -14.12
CA GLN A 49 0.24 -47.04 -13.00
C GLN A 49 1.10 -46.64 -11.82
N SER A 50 1.86 -45.56 -11.91
CA SER A 50 2.67 -45.08 -10.80
C SER A 50 2.83 -43.58 -10.93
N ILE A 51 3.16 -42.93 -9.81
CA ILE A 51 3.24 -41.48 -9.74
C ILE A 51 4.54 -41.09 -9.07
N PHE A 52 4.93 -39.84 -9.27
CA PHE A 52 6.15 -39.28 -8.70
C PHE A 52 5.81 -38.19 -7.70
N ASN A 53 6.49 -38.21 -6.56
CA ASN A 53 6.25 -37.24 -5.50
C ASN A 53 7.55 -36.54 -5.14
N ASP A 54 7.48 -35.22 -4.97
CA ASP A 54 8.62 -34.41 -4.58
C ASP A 54 8.42 -33.92 -3.15
N VAL A 55 9.37 -34.25 -2.28
CA VAL A 55 9.30 -33.91 -0.86
C VAL A 55 10.33 -32.83 -0.59
N PHE A 56 9.89 -31.72 -0.01
CA PHE A 56 10.76 -30.62 0.35
C PHE A 56 11.11 -30.67 1.83
N ILE A 57 12.21 -30.01 2.18
CA ILE A 57 12.70 -30.06 3.56
C ILE A 57 12.99 -28.64 4.06
N GLU A 58 13.04 -27.67 3.16
CA GLU A 58 13.34 -26.30 3.53
C GLU A 58 12.39 -25.35 2.82
N ASN A 59 12.21 -24.17 3.42
CA ASN A 59 11.31 -23.15 2.90
C ASN A 59 12.07 -21.84 2.72
N TYR A 60 11.92 -21.23 1.56
CA TYR A 60 12.55 -19.95 1.24
C TYR A 60 11.46 -18.90 1.02
N GLU A 61 11.73 -17.69 1.50
CA GLU A 61 10.82 -16.57 1.32
C GLU A 61 11.34 -15.62 0.25
N ALA A 62 10.47 -14.72 -0.19
CA ALA A 62 10.81 -13.79 -1.25
C ALA A 62 11.82 -12.76 -0.73
N LYS A 63 12.39 -12.00 -1.67
CA LYS A 63 13.41 -11.02 -1.35
C LYS A 63 13.05 -9.67 -1.95
N MET A 64 13.58 -8.61 -1.35
CA MET A 64 13.39 -7.25 -1.82
C MET A 64 14.74 -6.68 -2.27
N ASP A 65 14.78 -6.16 -3.49
CA ASP A 65 16.03 -5.67 -4.05
C ASP A 65 15.73 -4.47 -4.95
N PHE A 66 16.78 -3.95 -5.56
CA PHE A 66 16.67 -2.80 -6.46
C PHE A 66 16.40 -3.25 -7.90
N GLN A 67 17.31 -4.06 -8.47
CA GLN A 67 17.19 -4.52 -9.85
C GLN A 67 17.03 -6.02 -9.99
N GLY A 68 17.38 -6.81 -8.98
CA GLY A 68 17.25 -8.24 -9.03
C GLY A 68 18.58 -8.90 -8.69
N SER A 69 18.69 -10.17 -9.09
CA SER A 69 19.91 -10.94 -8.83
C SER A 69 20.12 -11.92 -9.97
N PHE A 70 21.37 -12.35 -10.12
CA PHE A 70 21.74 -13.30 -11.17
C PHE A 70 21.49 -14.74 -10.76
N ASP A 71 21.73 -15.07 -9.50
CA ASP A 71 21.55 -16.43 -9.03
C ASP A 71 20.07 -16.79 -8.91
N THR A 72 19.79 -18.09 -8.96
CA THR A 72 18.45 -18.62 -8.78
C THR A 72 18.43 -19.49 -7.54
N ASP A 73 17.49 -19.21 -6.64
CA ASP A 73 17.39 -19.93 -5.37
C ASP A 73 16.22 -20.90 -5.43
N ILE A 74 16.53 -22.19 -5.37
CA ILE A 74 15.52 -23.25 -5.40
C ILE A 74 15.76 -24.18 -4.22
N GLU A 75 14.68 -24.55 -3.54
CA GLU A 75 14.78 -25.48 -2.43
C GLU A 75 15.13 -26.88 -2.91
N THR A 76 15.80 -27.64 -2.04
CA THR A 76 16.21 -29.00 -2.36
C THR A 76 15.05 -29.95 -2.09
N SER A 77 14.77 -30.83 -3.06
CA SER A 77 13.66 -31.76 -2.97
C SER A 77 14.14 -33.16 -3.32
N LYS A 78 13.43 -34.15 -2.76
CA LYS A 78 13.70 -35.56 -3.02
C LYS A 78 12.56 -36.16 -3.82
N ARG A 79 12.90 -36.95 -4.84
CA ARG A 79 11.91 -37.58 -5.69
C ARG A 79 11.71 -39.02 -5.27
N VAL A 80 10.44 -39.43 -5.15
CA VAL A 80 10.08 -40.79 -4.81
C VAL A 80 9.00 -41.29 -5.76
N ASN A 81 8.91 -42.60 -5.87
CA ASN A 81 7.94 -43.25 -6.75
C ASN A 81 6.89 -43.96 -5.90
N TYR A 82 5.62 -43.76 -6.24
CA TYR A 82 4.49 -44.35 -5.54
C TYR A 82 3.71 -45.23 -6.49
N THR A 83 3.30 -46.40 -6.03
CA THR A 83 2.48 -47.31 -6.81
C THR A 83 1.01 -47.08 -6.45
N ILE A 84 0.18 -46.88 -7.47
CA ILE A 84 -1.24 -46.60 -7.26
C ILE A 84 -1.95 -47.90 -6.88
N PRO A 85 -2.54 -47.99 -5.70
CA PRO A 85 -3.26 -49.21 -5.32
C PRO A 85 -4.68 -49.18 -5.87
N LEU A 86 -5.34 -50.34 -5.79
CA LEU A 86 -6.71 -50.50 -6.24
C LEU A 86 -7.57 -50.91 -5.05
N LEU A 87 -8.69 -50.22 -4.86
CA LEU A 87 -9.61 -50.53 -3.77
C LEU A 87 -10.95 -50.95 -4.37
N TYR A 88 -11.52 -52.03 -3.82
CA TYR A 88 -12.72 -52.61 -4.42
C TYR A 88 -13.50 -53.39 -3.38
N LYS A 89 -14.77 -53.65 -3.72
CA LYS A 89 -15.69 -54.43 -2.91
C LYS A 89 -16.68 -55.11 -3.85
N ASP A 90 -17.33 -56.16 -3.36
CA ASP A 90 -18.22 -56.97 -4.18
C ASP A 90 -19.60 -57.06 -3.56
N PHE A 91 -20.62 -57.19 -4.42
CA PHE A 91 -21.98 -57.43 -3.96
C PHE A 91 -22.72 -58.24 -5.01
N VAL A 92 -23.87 -58.79 -4.61
CA VAL A 92 -24.60 -59.77 -5.41
C VAL A 92 -26.05 -59.31 -5.59
N LEU A 93 -26.60 -59.57 -6.77
CA LEU A 93 -28.02 -59.40 -7.05
C LEU A 93 -28.61 -60.76 -7.44
N TYR A 94 -29.78 -61.06 -6.90
CA TYR A 94 -30.42 -62.35 -7.08
C TYR A 94 -31.41 -62.32 -8.24
N TRP A 95 -31.46 -63.42 -8.99
CA TRP A 95 -32.31 -63.48 -10.18
C TRP A 95 -33.78 -63.53 -9.81
N ARG A 96 -34.14 -64.20 -8.72
CA ARG A 96 -35.54 -64.33 -8.35
C ARG A 96 -36.16 -62.96 -8.04
N ASP A 97 -35.44 -62.14 -7.27
CA ASP A 97 -35.96 -60.81 -6.95
C ASP A 97 -36.07 -59.94 -8.19
N LEU A 98 -35.08 -60.02 -9.08
CA LEU A 98 -35.14 -59.24 -10.31
C LEU A 98 -36.32 -59.65 -11.17
N GLU A 99 -36.56 -60.96 -11.29
CA GLU A 99 -37.68 -61.45 -12.08
C GLU A 99 -39.02 -61.04 -11.46
N GLN A 100 -39.13 -61.13 -10.14
CA GLN A 100 -40.36 -60.70 -9.47
C GLN A 100 -40.62 -59.22 -9.69
N ALA A 101 -39.58 -58.39 -9.55
CA ALA A 101 -39.74 -56.95 -9.78
C ALA A 101 -40.11 -56.66 -11.23
N LYS A 102 -39.51 -57.39 -12.17
CA LYS A 102 -39.83 -57.18 -13.58
C LYS A 102 -41.28 -57.56 -13.88
N VAL A 103 -41.75 -58.66 -13.32
CA VAL A 103 -43.10 -59.11 -13.63
C VAL A 103 -44.15 -58.28 -12.88
N LEU A 104 -43.80 -57.72 -11.74
CA LEU A 104 -44.72 -56.91 -10.95
C LEU A 104 -44.61 -55.42 -11.23
N ASP A 105 -43.68 -55.00 -12.10
CA ASP A 105 -43.44 -53.59 -12.39
C ASP A 105 -43.11 -52.82 -11.11
N ILE A 106 -42.09 -53.29 -10.41
CA ILE A 106 -41.67 -52.73 -9.14
C ILE A 106 -40.24 -52.21 -9.27
N PRO A 107 -39.93 -51.03 -8.75
CA PRO A 107 -38.54 -50.56 -8.79
C PRO A 107 -37.60 -51.49 -8.05
N ILE A 108 -36.39 -51.62 -8.58
CA ILE A 108 -35.41 -52.54 -8.05
C ILE A 108 -34.72 -51.92 -6.83
N ASP A 109 -34.44 -52.74 -5.83
CA ASP A 109 -33.84 -52.28 -4.57
C ASP A 109 -32.34 -52.48 -4.65
N PHE A 110 -31.60 -51.36 -4.70
CA PHE A 110 -30.14 -51.40 -4.70
C PHE A 110 -29.65 -51.08 -3.29
N SER A 111 -29.65 -52.11 -2.45
CA SER A 111 -29.23 -51.95 -1.05
C SER A 111 -27.81 -52.43 -0.80
N ALA A 112 -27.37 -53.50 -1.48
CA ALA A 112 -26.01 -53.98 -1.30
C ALA A 112 -24.99 -53.01 -1.88
N ALA A 113 -25.37 -52.28 -2.92
CA ALA A 113 -24.47 -51.31 -3.52
C ALA A 113 -24.10 -50.22 -2.52
N ALA A 114 -25.05 -49.79 -1.70
CA ALA A 114 -24.76 -48.79 -0.68
C ALA A 114 -23.75 -49.32 0.33
N ASN A 115 -23.91 -50.56 0.76
CA ASN A 115 -22.95 -51.14 1.71
C ASN A 115 -21.56 -51.26 1.10
N ALA A 116 -21.49 -51.67 -0.17
CA ALA A 116 -20.21 -51.76 -0.85
C ALA A 116 -19.54 -50.39 -0.95
N ALA A 117 -20.32 -49.36 -1.31
CA ALA A 117 -19.77 -48.01 -1.40
C ALA A 117 -19.29 -47.53 -0.03
N ARG A 118 -20.05 -47.82 1.03
CA ARG A 118 -19.62 -47.43 2.37
C ARG A 118 -18.31 -48.10 2.74
N ASP A 119 -18.17 -49.39 2.45
CA ASP A 119 -16.93 -50.09 2.78
C ASP A 119 -15.76 -49.54 1.98
N VAL A 120 -15.97 -49.23 0.70
CA VAL A 120 -14.90 -48.66 -0.11
C VAL A 120 -14.47 -47.31 0.43
N ALA A 121 -15.45 -46.48 0.81
CA ALA A 121 -15.14 -45.17 1.36
C ALA A 121 -14.37 -45.28 2.68
N ILE A 122 -14.76 -46.23 3.53
CA ILE A 122 -14.04 -46.42 4.78
C ILE A 122 -12.61 -46.85 4.52
N LEU A 123 -12.42 -47.76 3.56
CA LEU A 123 -11.06 -48.19 3.20
C LEU A 123 -10.23 -47.03 2.69
N GLU A 124 -10.82 -46.19 1.83
CA GLU A 124 -10.11 -45.04 1.30
C GLU A 124 -9.71 -44.07 2.40
N ASP A 125 -10.63 -43.81 3.34
CA ASP A 125 -10.31 -42.91 4.45
C ASP A 125 -9.20 -43.49 5.32
N GLN A 126 -9.24 -44.80 5.58
CA GLN A 126 -8.18 -45.43 6.35
C GLN A 126 -6.84 -45.32 5.65
N MET A 127 -6.82 -45.52 4.33
CA MET A 127 -5.58 -45.39 3.58
C MET A 127 -5.06 -43.95 3.63
N ILE A 128 -5.96 -42.98 3.52
CA ILE A 128 -5.54 -41.58 3.56
C ILE A 128 -4.95 -41.22 4.90
N PHE A 129 -5.59 -41.65 5.99
CA PHE A 129 -5.16 -41.24 7.32
C PHE A 129 -4.06 -42.11 7.91
N TYR A 130 -3.75 -43.26 7.32
CA TYR A 130 -2.66 -44.08 7.85
C TYR A 130 -1.72 -44.66 6.81
N GLY A 131 -2.01 -44.56 5.53
CA GLY A 131 -1.10 -45.02 4.50
C GLY A 131 -1.16 -46.52 4.30
N SER A 132 -0.65 -46.96 3.15
CA SER A 132 -0.61 -48.36 2.79
C SER A 132 0.73 -48.95 3.22
N LYS A 133 0.68 -49.95 4.10
CA LYS A 133 1.92 -50.57 4.57
C LYS A 133 2.58 -51.41 3.48
N GLU A 134 1.77 -52.10 2.67
CA GLU A 134 2.34 -52.97 1.64
C GLU A 134 3.13 -52.18 0.61
N PHE A 135 2.58 -51.06 0.14
CA PHE A 135 3.25 -50.23 -0.85
C PHE A 135 4.16 -49.17 -0.24
N ASP A 136 4.22 -49.10 1.09
CA ASP A 136 5.08 -48.16 1.80
C ASP A 136 4.79 -46.71 1.39
N ILE A 137 3.55 -46.29 1.66
CA ILE A 137 3.10 -44.94 1.41
C ILE A 137 2.77 -44.30 2.75
N PRO A 138 3.38 -43.18 3.11
CA PRO A 138 3.11 -42.57 4.42
C PRO A 138 1.72 -41.97 4.49
N GLY A 139 1.20 -41.88 5.71
CA GLY A 139 -0.09 -41.27 5.97
C GLY A 139 0.07 -39.95 6.73
N LEU A 140 -1.08 -39.32 6.95
CA LEU A 140 -1.10 -38.03 7.63
C LEU A 140 -0.59 -38.14 9.06
N MET A 141 -0.95 -39.23 9.75
CA MET A 141 -0.61 -39.38 11.16
C MET A 141 0.71 -40.09 11.40
N ASN A 142 1.43 -40.48 10.34
CA ASN A 142 2.71 -41.15 10.53
C ASN A 142 3.79 -40.65 9.58
N VAL A 143 3.59 -39.50 8.94
CA VAL A 143 4.62 -38.97 8.06
C VAL A 143 5.82 -38.52 8.87
N LYS A 144 6.95 -38.38 8.18
CA LYS A 144 8.22 -37.99 8.81
C LYS A 144 8.47 -36.52 8.57
N GLY A 145 8.85 -35.80 9.63
CA GLY A 145 9.08 -34.38 9.55
C GLY A 145 7.91 -33.51 9.96
N ARG A 146 6.89 -34.08 10.59
CA ARG A 146 5.72 -33.32 11.02
C ARG A 146 5.89 -32.89 12.48
N SER A 147 5.07 -31.91 12.87
CA SER A 147 5.11 -31.42 14.24
C SER A 147 4.20 -32.25 15.14
N THR A 148 4.59 -32.36 16.40
CA THR A 148 3.86 -33.18 17.38
C THR A 148 3.54 -32.33 18.59
N HIS A 149 2.29 -32.42 19.04
CA HIS A 149 1.83 -31.70 20.23
C HIS A 149 1.10 -32.67 21.15
N LEU A 150 1.22 -32.44 22.45
CA LEU A 150 0.60 -33.27 23.47
C LEU A 150 -0.54 -32.48 24.12
N ILE A 151 -1.71 -33.10 24.18
CA ILE A 151 -2.89 -32.44 24.73
C ILE A 151 -3.02 -32.76 26.20
N GLY A 152 -3.72 -31.89 26.91
CA GLY A 152 -3.99 -32.05 28.33
C GLY A 152 -5.38 -32.58 28.60
N ASN A 153 -5.91 -32.24 29.77
CA ASN A 153 -7.26 -32.65 30.14
C ASN A 153 -8.27 -31.70 29.50
N TRP A 154 -9.09 -32.24 28.59
CA TRP A 154 -10.05 -31.42 27.87
C TRP A 154 -11.41 -31.36 28.56
N TYR A 155 -11.59 -32.07 29.67
CA TYR A 155 -12.84 -31.96 30.41
C TYR A 155 -13.00 -30.57 31.02
N GLU A 156 -11.92 -30.00 31.54
CA GLU A 156 -11.96 -28.63 32.02
C GLU A 156 -12.11 -27.67 30.85
N SER A 157 -12.95 -26.66 31.03
CA SER A 157 -13.25 -25.73 29.95
C SER A 157 -12.04 -24.82 29.67
N GLY A 158 -11.80 -24.57 28.39
CA GLY A 158 -10.77 -23.65 27.95
C GLY A 158 -9.46 -24.32 27.55
N ASN A 159 -9.24 -25.57 27.96
CA ASN A 159 -7.99 -26.24 27.63
C ASN A 159 -7.88 -26.53 26.15
N ALA A 160 -8.99 -26.88 25.51
CA ALA A 160 -8.96 -27.19 24.08
C ALA A 160 -8.54 -25.98 23.25
N PHE A 161 -9.07 -24.79 23.61
CA PHE A 161 -8.68 -23.59 22.89
C PHE A 161 -7.20 -23.30 23.05
N GLN A 162 -6.66 -23.50 24.25
CA GLN A 162 -5.23 -23.28 24.47
C GLN A 162 -4.40 -24.26 23.65
N ASP A 163 -4.81 -25.53 23.60
CA ASP A 163 -4.08 -26.52 22.82
C ASP A 163 -4.10 -26.17 21.33
N VAL A 164 -5.26 -25.75 20.83
CA VAL A 164 -5.36 -25.37 19.41
C VAL A 164 -4.50 -24.16 19.13
N VAL A 165 -4.48 -23.19 20.05
CA VAL A 165 -3.65 -22.00 19.87
C VAL A 165 -2.17 -22.38 19.84
N GLU A 166 -1.76 -23.28 20.73
CA GLU A 166 -0.36 -23.70 20.75
C GLU A 166 0.03 -24.43 19.48
N ALA A 167 -0.86 -25.29 18.98
CA ALA A 167 -0.59 -25.97 17.72
C ALA A 167 -0.50 -24.98 16.56
N ARG A 168 -1.39 -23.98 16.55
CA ARG A 168 -1.34 -22.96 15.52
C ARG A 168 -0.05 -22.17 15.57
N ASN A 169 0.43 -21.86 16.78
CA ASN A 169 1.69 -21.14 16.93
C ASN A 169 2.86 -22.00 16.43
N LYS A 170 2.84 -23.29 16.75
CA LYS A 170 3.88 -24.18 16.27
C LYS A 170 3.91 -24.23 14.75
N LEU A 171 2.73 -24.30 14.12
CA LEU A 171 2.68 -24.29 12.66
C LEU A 171 3.07 -22.95 12.07
N LEU A 172 2.74 -21.85 12.74
CA LEU A 172 3.03 -20.51 12.25
C LEU A 172 4.50 -20.13 12.37
N GLU A 173 5.21 -20.68 13.34
CA GLU A 173 6.64 -20.38 13.48
C GLU A 173 7.48 -20.93 12.33
N MET A 174 6.92 -21.80 11.49
CA MET A 174 7.62 -22.38 10.35
C MET A 174 7.17 -21.77 9.03
N LYS A 175 6.86 -20.49 9.02
CA LYS A 175 6.47 -19.75 7.81
C LYS A 175 5.27 -20.40 7.12
N HIS A 176 4.24 -20.70 7.91
CA HIS A 176 2.98 -21.25 7.39
C HIS A 176 1.84 -20.42 7.96
N ASN A 177 1.15 -19.68 7.09
CA ASN A 177 0.11 -18.76 7.51
C ASN A 177 -1.24 -19.02 6.87
N GLY A 178 -1.35 -20.03 6.01
CA GLY A 178 -2.58 -20.29 5.29
C GLY A 178 -3.69 -20.78 6.18
N PRO A 179 -4.90 -20.89 5.63
CA PRO A 179 -6.03 -21.38 6.41
C PRO A 179 -5.78 -22.82 6.87
N PHE A 180 -6.26 -23.12 8.08
CA PHE A 180 -6.03 -24.42 8.71
C PHE A 180 -7.32 -25.22 8.76
N ALA A 181 -7.15 -26.54 8.85
CA ALA A 181 -8.26 -27.47 8.99
C ALA A 181 -7.95 -28.43 10.13
N LEU A 182 -8.97 -28.75 10.93
CA LEU A 182 -8.80 -29.59 12.11
C LEU A 182 -9.67 -30.84 11.97
N VAL A 183 -9.08 -31.99 12.24
CA VAL A 183 -9.77 -33.28 12.20
C VAL A 183 -9.54 -33.99 13.52
N LEU A 184 -10.60 -34.52 14.10
CA LEU A 184 -10.53 -35.11 15.44
C LEU A 184 -11.23 -36.46 15.48
N SER A 185 -10.85 -37.26 16.48
CA SER A 185 -11.62 -38.45 16.81
C SER A 185 -12.97 -38.04 17.41
N PRO A 186 -13.98 -38.89 17.27
CA PRO A 186 -15.32 -38.52 17.75
C PRO A 186 -15.37 -38.21 19.24
N GLU A 187 -14.57 -38.90 20.06
CA GLU A 187 -14.58 -38.63 21.50
C GLU A 187 -14.16 -37.20 21.80
N LEU A 188 -13.10 -36.72 21.14
CA LEU A 188 -12.70 -35.33 21.32
C LEU A 188 -13.69 -34.37 20.67
N TYR A 189 -14.28 -34.77 19.55
CA TYR A 189 -15.24 -33.91 18.85
C TYR A 189 -16.46 -33.64 19.72
N SER A 190 -16.93 -34.64 20.47
CA SER A 190 -18.07 -34.45 21.35
C SER A 190 -17.73 -33.57 22.54
N LEU A 191 -16.46 -33.54 22.96
CA LEU A 191 -16.08 -32.73 24.12
C LEU A 191 -16.09 -31.25 23.81
N LEU A 192 -16.14 -30.86 22.54
CA LEU A 192 -16.14 -29.46 22.15
C LEU A 192 -17.53 -28.85 22.14
N HIS A 193 -18.56 -29.61 22.50
CA HIS A 193 -19.94 -29.13 22.49
C HIS A 193 -20.41 -28.72 23.88
N ARG A 194 -19.52 -28.19 24.71
CA ARG A 194 -19.89 -27.65 26.01
C ARG A 194 -19.92 -26.13 25.93
N VAL A 195 -20.28 -25.50 27.05
CA VAL A 195 -20.44 -24.05 27.11
C VAL A 195 -19.17 -23.46 27.73
N HIS A 196 -18.52 -22.57 26.98
CA HIS A 196 -17.36 -21.87 27.50
C HIS A 196 -17.82 -20.83 28.51
N LYS A 197 -17.43 -21.01 29.77
CA LYS A 197 -17.91 -20.15 30.83
C LYS A 197 -17.48 -18.69 30.64
N ASP A 198 -16.23 -18.48 30.22
CA ASP A 198 -15.71 -17.13 30.10
C ASP A 198 -16.42 -16.36 29.00
N THR A 199 -16.52 -16.94 27.81
CA THR A 199 -17.07 -16.23 26.66
C THR A 199 -18.57 -16.47 26.48
N ASN A 200 -19.19 -17.33 27.28
CA ASN A 200 -20.62 -17.59 27.22
C ASN A 200 -21.06 -18.05 25.84
N VAL A 201 -20.25 -18.90 25.21
CA VAL A 201 -20.59 -19.51 23.92
C VAL A 201 -20.10 -20.95 23.93
N LEU A 202 -20.54 -21.70 22.92
CA LEU A 202 -20.06 -23.06 22.76
C LEU A 202 -18.60 -23.06 22.36
N GLU A 203 -17.84 -24.00 22.91
CA GLU A 203 -16.41 -24.06 22.63
C GLU A 203 -16.12 -24.32 21.16
N ILE A 204 -16.98 -25.10 20.49
CA ILE A 204 -16.78 -25.40 19.08
C ILE A 204 -16.89 -24.12 18.25
N GLU A 205 -17.84 -23.25 18.58
CA GLU A 205 -17.99 -22.00 17.84
C GLU A 205 -16.76 -21.12 18.01
N HIS A 206 -16.22 -21.05 19.23
CA HIS A 206 -15.00 -20.27 19.45
C HIS A 206 -13.82 -20.86 18.69
N VAL A 207 -13.71 -22.19 18.68
CA VAL A 207 -12.60 -22.83 17.97
C VAL A 207 -12.71 -22.59 16.48
N ARG A 208 -13.94 -22.56 15.96
CA ARG A 208 -14.14 -22.39 14.52
C ARG A 208 -13.68 -21.02 14.02
N GLU A 209 -13.43 -20.06 14.91
CA GLU A 209 -12.92 -18.77 14.47
C GLU A 209 -11.50 -18.88 13.94
N LEU A 210 -10.63 -19.59 14.66
CA LEU A 210 -9.26 -19.76 14.20
C LEU A 210 -9.17 -20.71 13.02
N VAL A 211 -9.87 -21.84 13.10
CA VAL A 211 -9.85 -22.84 12.04
C VAL A 211 -10.95 -22.47 11.06
N THR A 212 -10.57 -21.69 10.04
CA THR A 212 -11.55 -21.13 9.11
C THR A 212 -11.93 -22.09 7.99
N ASP A 213 -11.31 -23.27 7.90
CA ASP A 213 -11.64 -24.24 6.87
C ASP A 213 -12.51 -25.38 7.40
N GLY A 214 -13.03 -25.27 8.61
CA GLY A 214 -13.95 -26.24 9.14
C GLY A 214 -13.28 -27.22 10.10
N VAL A 215 -14.10 -27.79 10.97
CA VAL A 215 -13.67 -28.81 11.92
C VAL A 215 -14.44 -30.08 11.63
N PHE A 216 -13.73 -31.19 11.45
CA PHE A 216 -14.34 -32.47 11.11
C PHE A 216 -13.94 -33.53 12.12
N GLN A 217 -14.73 -34.61 12.15
CA GLN A 217 -14.44 -35.75 12.99
C GLN A 217 -14.52 -37.01 12.13
N THR A 218 -13.65 -37.97 12.44
CA THR A 218 -13.62 -39.21 11.68
C THR A 218 -13.56 -40.40 12.62
N PRO A 219 -14.26 -41.49 12.29
CA PRO A 219 -14.23 -42.68 13.16
C PRO A 219 -12.93 -43.46 13.10
N VAL A 220 -12.07 -43.20 12.11
CA VAL A 220 -10.84 -43.97 11.98
C VAL A 220 -9.84 -43.65 13.08
N LEU A 221 -10.04 -42.55 13.80
CA LEU A 221 -9.18 -42.17 14.91
C LEU A 221 -9.80 -42.64 16.23
N LYS A 222 -9.00 -43.30 17.05
CA LYS A 222 -9.46 -43.87 18.30
C LYS A 222 -8.84 -43.13 19.48
N GLY A 223 -9.63 -42.94 20.53
CA GLY A 223 -9.13 -42.23 21.70
C GLY A 223 -8.95 -40.75 21.43
N LYS A 224 -8.05 -40.15 22.19
CA LYS A 224 -7.71 -38.74 22.04
C LYS A 224 -6.72 -38.62 20.90
N THR A 225 -7.17 -38.10 19.76
CA THR A 225 -6.33 -38.02 18.58
C THR A 225 -6.86 -36.93 17.66
N GLY A 226 -5.95 -36.08 17.16
CA GLY A 226 -6.36 -35.06 16.21
C GLY A 226 -5.20 -34.64 15.33
N VAL A 227 -5.55 -33.93 14.25
CA VAL A 227 -4.56 -33.43 13.31
C VAL A 227 -4.98 -32.04 12.85
N LEU A 228 -3.99 -31.15 12.76
CA LEU A 228 -4.17 -29.80 12.22
C LEU A 228 -3.33 -29.68 10.95
N VAL A 229 -3.96 -29.30 9.85
CA VAL A 229 -3.33 -29.32 8.54
C VAL A 229 -3.46 -27.95 7.90
N ASN A 230 -2.36 -27.44 7.36
CA ASN A 230 -2.38 -26.20 6.60
C ASN A 230 -2.90 -26.51 5.20
N THR A 231 -4.14 -26.10 4.93
CA THR A 231 -4.78 -26.42 3.65
C THR A 231 -4.06 -25.71 2.51
N GLY A 232 -3.86 -26.44 1.41
CA GLY A 232 -3.25 -25.87 0.23
C GLY A 232 -2.85 -26.91 -0.79
N ARG A 233 -3.06 -26.62 -2.07
CA ARG A 233 -2.68 -27.55 -3.12
C ARG A 233 -1.17 -27.76 -3.14
N ASN A 234 -0.41 -26.69 -2.90
CA ASN A 234 1.05 -26.78 -2.88
C ASN A 234 1.58 -27.58 -1.70
N ASN A 235 0.75 -27.90 -0.72
CA ASN A 235 1.19 -28.65 0.46
C ASN A 235 0.84 -30.12 0.41
N LEU A 236 -0.34 -30.47 -0.09
CA LEU A 236 -0.76 -31.86 -0.18
C LEU A 236 -1.83 -31.98 -1.25
N ASP A 237 -1.95 -33.19 -1.80
CA ASP A 237 -2.87 -33.39 -2.92
C ASP A 237 -3.30 -34.86 -2.97
N LEU A 238 -4.35 -35.11 -3.74
CA LEU A 238 -4.84 -36.45 -3.99
C LEU A 238 -4.86 -36.70 -5.49
N ALA A 239 -4.17 -37.75 -5.93
CA ALA A 239 -4.09 -38.11 -7.33
C ALA A 239 -5.03 -39.29 -7.57
N VAL A 240 -5.95 -39.12 -8.52
CA VAL A 240 -6.98 -40.12 -8.79
C VAL A 240 -6.80 -40.60 -10.22
N SER A 241 -6.64 -41.91 -10.39
CA SER A 241 -6.56 -42.50 -11.72
C SER A 241 -7.93 -42.87 -12.27
N GLU A 242 -8.71 -43.62 -11.50
CA GLU A 242 -10.09 -43.92 -11.82
C GLU A 242 -10.93 -43.65 -10.57
N ASP A 243 -12.05 -42.95 -10.75
CA ASP A 243 -12.92 -42.62 -9.63
C ASP A 243 -13.77 -43.83 -9.27
N PHE A 244 -14.78 -43.62 -8.42
CA PHE A 244 -15.69 -44.69 -8.06
C PHE A 244 -16.39 -45.21 -9.32
N ASP A 245 -16.38 -46.54 -9.49
CA ASP A 245 -17.04 -47.11 -10.65
C ASP A 245 -17.48 -48.53 -10.33
N THR A 246 -18.40 -49.02 -11.16
CA THR A 246 -18.98 -50.35 -11.00
C THR A 246 -18.73 -51.19 -12.25
N ALA A 247 -18.47 -52.47 -12.03
CA ALA A 247 -18.20 -53.42 -13.09
C ALA A 247 -19.01 -54.69 -12.88
N TYR A 248 -19.41 -55.31 -13.99
CA TYR A 248 -20.17 -56.56 -13.96
C TYR A 248 -19.20 -57.72 -14.12
N LEU A 249 -19.25 -58.66 -13.18
CA LEU A 249 -18.33 -59.79 -13.16
C LEU A 249 -18.84 -60.99 -13.94
N GLY A 250 -19.99 -60.88 -14.59
CA GLY A 250 -20.52 -62.02 -15.33
C GLY A 250 -21.38 -62.92 -14.47
N GLU A 251 -22.35 -63.57 -15.12
CA GLU A 251 -23.29 -64.42 -14.41
C GLU A 251 -22.58 -65.61 -13.79
N GLU A 252 -23.04 -66.01 -12.60
CA GLU A 252 -22.46 -67.15 -11.89
C GLU A 252 -23.51 -67.74 -10.97
N GLY A 253 -23.87 -69.00 -11.21
CA GLY A 253 -24.89 -69.64 -10.40
C GLY A 253 -26.23 -68.97 -10.49
N MET A 254 -26.58 -68.44 -11.67
CA MET A 254 -27.81 -67.70 -11.94
C MET A 254 -27.93 -66.42 -11.11
N ASN A 255 -26.88 -66.05 -10.38
CA ASN A 255 -26.85 -64.80 -9.62
C ASN A 255 -25.82 -63.86 -10.23
N HIS A 256 -26.08 -62.56 -10.17
CA HIS A 256 -25.25 -61.59 -10.85
C HIS A 256 -24.40 -60.81 -9.85
N PRO A 257 -23.09 -61.00 -9.83
CA PRO A 257 -22.23 -60.20 -8.95
C PRO A 257 -21.68 -58.97 -9.65
N PHE A 258 -21.45 -57.93 -8.85
CA PHE A 258 -20.89 -56.67 -9.30
C PHE A 258 -19.77 -56.26 -8.35
N ARG A 259 -18.89 -55.41 -8.87
CA ARG A 259 -17.75 -54.91 -8.12
C ARG A 259 -17.73 -53.39 -8.17
N VAL A 260 -17.36 -52.77 -7.05
CA VAL A 260 -17.20 -51.33 -6.95
C VAL A 260 -15.73 -51.05 -6.66
N TYR A 261 -15.10 -50.24 -7.50
CA TYR A 261 -13.65 -50.07 -7.44
C TYR A 261 -13.27 -48.63 -7.74
N GLU A 262 -12.07 -48.27 -7.28
CA GLU A 262 -11.46 -46.99 -7.58
C GLU A 262 -9.97 -47.06 -7.28
N THR A 263 -9.21 -46.12 -7.87
CA THR A 263 -7.76 -46.05 -7.74
C THR A 263 -7.36 -44.63 -7.37
N VAL A 264 -6.88 -44.43 -6.14
CA VAL A 264 -6.48 -43.12 -5.64
C VAL A 264 -5.16 -43.27 -4.88
N VAL A 265 -4.50 -42.13 -4.68
CA VAL A 265 -3.28 -42.07 -3.89
C VAL A 265 -3.14 -40.66 -3.32
N LEU A 266 -2.39 -40.54 -2.23
CA LEU A 266 -2.21 -39.27 -1.54
C LEU A 266 -0.74 -38.85 -1.61
N ARG A 267 -0.50 -37.60 -2.00
CA ARG A 267 0.84 -37.05 -2.09
C ARG A 267 0.99 -35.94 -1.06
N ILE A 268 2.01 -36.06 -0.21
CA ILE A 268 2.34 -35.04 0.78
C ILE A 268 3.65 -34.39 0.35
N LYS A 269 3.59 -33.09 0.07
CA LYS A 269 4.75 -32.37 -0.43
C LYS A 269 5.61 -31.78 0.68
N ARG A 270 4.98 -31.07 1.63
CA ARG A 270 5.70 -30.43 2.72
C ARG A 270 5.23 -31.00 4.05
N PRO A 271 5.95 -31.97 4.62
CA PRO A 271 5.52 -32.54 5.91
C PRO A 271 5.50 -31.54 7.06
N SER A 272 6.19 -30.41 6.93
CA SER A 272 6.22 -29.43 8.01
C SER A 272 4.90 -28.72 8.22
N ALA A 273 3.96 -28.86 7.28
CA ALA A 273 2.66 -28.19 7.37
C ALA A 273 1.61 -29.06 8.06
N ILE A 274 2.02 -30.00 8.90
CA ILE A 274 1.11 -30.91 9.58
C ILE A 274 1.50 -30.98 11.05
N CYS A 275 0.53 -30.81 11.94
CA CYS A 275 0.73 -30.98 13.37
C CYS A 275 -0.22 -32.06 13.87
N THR A 276 0.28 -32.95 14.71
CA THR A 276 -0.54 -34.04 15.23
C THR A 276 -0.68 -33.89 16.74
N LEU A 277 -1.93 -33.81 17.20
CA LEU A 277 -2.25 -33.74 18.62
C LEU A 277 -2.48 -35.15 19.13
N GLU A 278 -1.60 -35.60 20.04
CA GLU A 278 -1.63 -36.95 20.57
C GLU A 278 -1.65 -36.90 22.09
N ASP A 279 -2.06 -38.01 22.70
CA ASP A 279 -2.11 -38.11 24.14
C ASP A 279 -0.71 -38.10 24.74
N LYS B 3 11.49 31.02 -29.32
CA LYS B 3 10.34 30.72 -28.47
C LYS B 3 9.09 31.43 -28.99
N THR B 4 8.41 32.15 -28.10
CA THR B 4 7.18 32.90 -28.33
C THR B 4 5.98 32.02 -28.63
N GLN B 5 6.16 30.70 -28.74
CA GLN B 5 5.01 29.81 -28.90
C GLN B 5 4.26 29.66 -27.58
N LEU B 6 5.00 29.53 -26.49
CA LEU B 6 4.41 29.45 -25.15
C LEU B 6 4.39 30.79 -24.43
N PHE B 7 4.82 31.86 -25.09
CA PHE B 7 4.79 33.21 -24.53
C PHE B 7 4.09 34.14 -25.50
N PRO B 8 2.77 33.98 -25.67
CA PRO B 8 2.06 34.87 -26.60
C PRO B 8 2.10 36.33 -26.20
N ASP B 9 2.13 36.63 -24.91
CA ASP B 9 2.11 38.00 -24.42
C ASP B 9 3.51 38.58 -24.24
N SER B 10 4.56 37.85 -24.61
CA SER B 10 5.91 38.35 -24.46
C SER B 10 6.13 39.54 -25.38
N PRO B 11 6.67 40.66 -24.88
CA PRO B 11 6.93 41.81 -25.77
C PRO B 11 7.90 41.49 -26.88
N LEU B 12 8.88 40.62 -26.63
CA LEU B 12 9.87 40.28 -27.64
C LEU B 12 9.28 39.34 -28.69
N THR B 13 9.98 39.25 -29.82
CA THR B 13 9.67 38.28 -30.85
C THR B 13 10.73 37.18 -30.84
N ASP B 14 10.67 36.30 -31.84
CA ASP B 14 11.57 35.15 -31.86
C ASP B 14 13.03 35.59 -31.97
N GLN B 15 13.31 36.62 -32.76
CA GLN B 15 14.68 37.07 -32.94
C GLN B 15 15.29 37.56 -31.63
N ASP B 16 14.52 38.34 -30.86
CA ASP B 16 15.05 38.83 -29.59
C ASP B 16 15.26 37.68 -28.61
N PHE B 17 14.38 36.68 -28.63
CA PHE B 17 14.57 35.52 -27.77
C PHE B 17 15.83 34.75 -28.15
N SER B 18 16.07 34.60 -29.45
CA SER B 18 17.30 33.93 -29.90
C SER B 18 18.53 34.70 -29.47
N GLN B 19 18.50 36.03 -29.61
CA GLN B 19 19.65 36.84 -29.18
C GLN B 19 19.86 36.74 -27.67
N LEU B 20 18.77 36.73 -26.91
CA LEU B 20 18.88 36.60 -25.45
C LEU B 20 19.48 35.25 -25.07
N ASP B 21 19.03 34.17 -25.73
CA ASP B 21 19.59 32.86 -25.46
C ASP B 21 21.08 32.80 -25.80
N GLN B 22 21.45 33.40 -26.94
CA GLN B 22 22.85 33.45 -27.32
C GLN B 22 23.68 34.19 -26.29
N THR B 23 23.18 35.34 -25.82
CA THR B 23 23.90 36.12 -24.82
C THR B 23 24.09 35.33 -23.54
N VAL B 24 23.02 34.66 -23.08
CA VAL B 24 23.10 33.90 -21.84
C VAL B 24 24.10 32.76 -21.98
N ILE B 25 24.04 32.04 -23.11
CA ILE B 25 24.93 30.90 -23.31
C ILE B 25 26.38 31.35 -23.37
N ASP B 26 26.64 32.42 -24.12
CA ASP B 26 28.02 32.91 -24.25
C ASP B 26 28.55 33.41 -22.91
N THR B 27 27.73 34.10 -22.13
CA THR B 27 28.18 34.55 -20.82
C THR B 27 28.44 33.38 -19.89
N ALA B 28 27.60 32.34 -19.94
CA ALA B 28 27.79 31.21 -19.05
C ALA B 28 29.00 30.37 -19.44
N ARG B 29 29.34 30.34 -20.73
CA ARG B 29 30.44 29.48 -21.18
C ARG B 29 31.77 29.88 -20.56
N ARG B 30 32.03 31.19 -20.47
CA ARG B 30 33.32 31.64 -19.97
C ARG B 30 33.51 31.31 -18.50
N GLN B 31 32.46 31.45 -17.69
CA GLN B 31 32.57 31.34 -16.25
C GLN B 31 32.48 29.92 -15.72
N LEU B 32 32.14 28.95 -16.55
CA LEU B 32 31.92 27.57 -16.10
C LEU B 32 33.27 26.85 -16.06
N ILE B 33 33.93 26.92 -14.90
CA ILE B 33 35.21 26.25 -14.74
C ILE B 33 35.02 24.74 -14.62
N GLY B 34 33.91 24.28 -14.04
CA GLY B 34 33.73 22.87 -13.77
C GLY B 34 33.45 22.03 -15.00
N ARG B 35 32.99 22.64 -16.08
CA ARG B 35 32.64 21.90 -17.29
C ARG B 35 33.83 21.67 -18.21
N ARG B 36 35.01 22.15 -17.84
CA ARG B 36 36.18 21.98 -18.68
C ARG B 36 36.82 20.60 -18.55
N PHE B 37 36.48 19.85 -17.51
CA PHE B 37 37.04 18.52 -17.33
C PHE B 37 36.03 17.49 -16.85
N ILE B 38 34.73 17.79 -16.91
CA ILE B 38 33.69 16.88 -16.49
C ILE B 38 32.70 16.72 -17.63
N GLU B 39 32.36 15.48 -17.97
CA GLU B 39 31.47 15.21 -19.08
C GLU B 39 30.02 15.44 -18.68
N LEU B 40 29.15 15.51 -19.68
CA LEU B 40 27.74 15.76 -19.50
C LEU B 40 26.92 14.53 -19.91
N TYR B 41 25.95 14.17 -19.09
CA TYR B 41 25.05 13.07 -19.41
C TYR B 41 23.81 13.56 -20.16
N GLY B 42 24.02 14.34 -21.21
CA GLY B 42 22.97 14.74 -22.11
C GLY B 42 21.87 15.56 -21.46
N PRO B 43 20.96 16.08 -22.29
CA PRO B 43 19.74 16.66 -21.75
C PRO B 43 18.66 15.61 -21.55
N LEU B 44 18.24 15.40 -20.31
CA LEU B 44 17.31 14.31 -20.03
C LEU B 44 15.87 14.72 -20.38
N GLY B 45 15.36 15.76 -19.73
CA GLY B 45 14.02 16.21 -20.02
C GLY B 45 13.20 16.54 -18.79
N ARG B 46 11.93 16.87 -18.97
CA ARG B 46 11.05 17.23 -17.86
C ARG B 46 10.47 16.02 -17.14
N GLY B 47 10.56 14.83 -17.74
CA GLY B 47 9.96 13.65 -17.14
C GLY B 47 10.74 13.04 -16.01
N ILE B 48 11.93 13.56 -15.71
CA ILE B 48 12.78 13.04 -14.65
C ILE B 48 12.88 14.09 -13.55
N GLN B 49 12.62 13.69 -12.32
CA GLN B 49 12.80 14.55 -11.16
C GLN B 49 13.83 14.02 -10.18
N SER B 50 14.28 12.78 -10.34
CA SER B 50 15.30 12.19 -9.48
C SER B 50 16.18 11.28 -10.32
N ILE B 51 17.38 11.03 -9.81
CA ILE B 51 18.37 10.22 -10.52
C ILE B 51 18.97 9.21 -9.54
N PHE B 52 19.59 8.18 -10.11
CA PHE B 52 20.20 7.12 -9.32
C PHE B 52 21.71 7.14 -9.51
N ASN B 53 22.45 6.90 -8.43
CA ASN B 53 23.90 6.89 -8.44
C ASN B 53 24.41 5.59 -7.84
N ASP B 54 25.42 5.01 -8.48
CA ASP B 54 26.02 3.76 -8.03
C ASP B 54 27.45 4.00 -7.58
N VAL B 55 27.79 3.49 -6.42
CA VAL B 55 29.11 3.66 -5.81
C VAL B 55 29.82 2.32 -5.77
N PHE B 56 31.07 2.30 -6.25
CA PHE B 56 31.90 1.11 -6.28
C PHE B 56 33.10 1.29 -5.36
N ILE B 57 33.64 0.17 -4.88
CA ILE B 57 34.78 0.20 -3.98
C ILE B 57 35.96 -0.56 -4.58
N GLU B 58 35.67 -1.55 -5.42
CA GLU B 58 36.69 -2.44 -5.95
C GLU B 58 36.51 -2.64 -7.44
N ASN B 59 37.58 -3.08 -8.10
CA ASN B 59 37.59 -3.31 -9.54
C ASN B 59 38.24 -4.65 -9.85
N TYR B 60 37.87 -5.22 -10.99
CA TYR B 60 38.39 -6.49 -11.45
C TYR B 60 39.16 -6.31 -12.75
N GLU B 61 40.33 -6.94 -12.84
CA GLU B 61 41.17 -6.84 -14.02
C GLU B 61 40.65 -7.76 -15.13
N ALA B 62 41.23 -7.61 -16.31
CA ALA B 62 40.88 -8.45 -17.44
C ALA B 62 41.61 -9.79 -17.36
N LYS B 63 41.38 -10.64 -18.36
CA LYS B 63 41.98 -11.96 -18.41
C LYS B 63 42.57 -12.23 -19.78
N MET B 64 43.58 -13.09 -19.82
CA MET B 64 44.24 -13.48 -21.06
C MET B 64 44.06 -14.98 -21.25
N ASP B 65 43.40 -15.37 -22.34
CA ASP B 65 43.16 -16.77 -22.65
C ASP B 65 43.06 -16.94 -24.15
N PHE B 66 43.28 -18.18 -24.60
CA PHE B 66 43.09 -18.48 -26.02
C PHE B 66 41.61 -18.46 -26.38
N GLN B 67 40.76 -18.97 -25.49
CA GLN B 67 39.32 -18.95 -25.68
C GLN B 67 38.65 -18.49 -24.39
N GLY B 68 37.48 -17.89 -24.54
CA GLY B 68 36.81 -17.30 -23.40
C GLY B 68 36.39 -18.33 -22.37
N SER B 69 36.29 -17.87 -21.12
CA SER B 69 35.86 -18.72 -20.02
C SER B 69 34.33 -18.81 -20.03
N PHE B 70 33.76 -19.38 -18.97
CA PHE B 70 32.31 -19.56 -18.88
C PHE B 70 31.66 -18.72 -17.80
N ASP B 71 32.39 -18.36 -16.74
CA ASP B 71 31.83 -17.58 -15.65
C ASP B 71 32.21 -16.11 -15.80
N THR B 72 31.28 -15.23 -15.46
CA THR B 72 31.47 -13.79 -15.55
C THR B 72 31.48 -13.19 -14.15
N ASP B 73 32.44 -12.30 -13.89
CA ASP B 73 32.58 -11.63 -12.61
C ASP B 73 32.18 -10.17 -12.78
N ILE B 74 31.18 -9.75 -12.02
CA ILE B 74 30.68 -8.37 -12.06
C ILE B 74 30.77 -7.79 -10.65
N GLU B 75 31.35 -6.61 -10.53
CA GLU B 75 31.49 -5.97 -9.23
C GLU B 75 30.15 -5.46 -8.72
N THR B 76 30.06 -5.32 -7.40
CA THR B 76 28.86 -4.85 -6.73
C THR B 76 28.96 -3.35 -6.46
N SER B 77 27.80 -2.75 -6.19
CA SER B 77 27.72 -1.30 -6.01
C SER B 77 26.61 -0.98 -5.03
N LYS B 78 26.66 0.24 -4.49
CA LYS B 78 25.63 0.76 -3.61
C LYS B 78 24.81 1.80 -4.36
N ARG B 79 23.48 1.69 -4.27
CA ARG B 79 22.57 2.57 -4.99
C ARG B 79 22.06 3.67 -4.08
N VAL B 80 22.10 4.91 -4.56
CA VAL B 80 21.59 6.06 -3.84
C VAL B 80 20.68 6.84 -4.79
N ASN B 81 19.75 7.59 -4.21
CA ASN B 81 18.80 8.41 -4.96
C ASN B 81 19.09 9.88 -4.71
N TYR B 82 19.10 10.67 -5.77
CA TYR B 82 19.38 12.09 -5.70
C TYR B 82 18.24 12.87 -6.32
N THR B 83 17.96 14.04 -5.77
CA THR B 83 16.94 14.94 -6.27
C THR B 83 17.60 16.10 -7.00
N ILE B 84 17.13 16.39 -8.21
CA ILE B 84 17.73 17.43 -9.04
C ILE B 84 17.30 18.80 -8.52
N PRO B 85 18.23 19.64 -8.10
CA PRO B 85 17.87 20.98 -7.61
C PRO B 85 17.61 21.92 -8.77
N LEU B 86 17.17 23.14 -8.42
CA LEU B 86 16.91 24.19 -9.39
C LEU B 86 17.68 25.43 -8.98
N LEU B 87 18.39 26.05 -9.92
CA LEU B 87 19.15 27.25 -9.66
C LEU B 87 18.67 28.35 -10.60
N TYR B 88 18.38 29.53 -10.04
CA TYR B 88 17.71 30.56 -10.82
C TYR B 88 18.12 31.95 -10.33
N LYS B 89 17.90 32.94 -11.19
CA LYS B 89 18.13 34.34 -10.87
C LYS B 89 17.29 35.19 -11.83
N ASP B 90 16.75 36.30 -11.30
CA ASP B 90 15.80 37.12 -12.03
C ASP B 90 16.42 38.45 -12.44
N PHE B 91 15.96 38.98 -13.58
CA PHE B 91 16.33 40.31 -14.02
C PHE B 91 15.09 40.97 -14.64
N VAL B 92 15.23 42.23 -15.03
CA VAL B 92 14.09 43.04 -15.44
C VAL B 92 14.47 43.89 -16.66
N LEU B 93 13.52 44.04 -17.58
CA LEU B 93 13.64 44.95 -18.71
C LEU B 93 12.57 46.03 -18.58
N TYR B 94 12.98 47.29 -18.74
CA TYR B 94 12.07 48.41 -18.60
C TYR B 94 11.35 48.68 -19.92
N TRP B 95 10.11 49.17 -19.81
CA TRP B 95 9.26 49.29 -20.98
C TRP B 95 9.63 50.49 -21.85
N ARG B 96 10.10 51.58 -21.24
CA ARG B 96 10.43 52.77 -22.02
C ARG B 96 11.58 52.50 -22.99
N ASP B 97 12.65 51.87 -22.49
CA ASP B 97 13.79 51.54 -23.33
C ASP B 97 13.40 50.56 -24.43
N LEU B 98 12.61 49.55 -24.08
CA LEU B 98 12.17 48.57 -25.07
C LEU B 98 11.34 49.22 -26.16
N GLU B 99 10.42 50.11 -25.78
CA GLU B 99 9.60 50.80 -26.78
C GLU B 99 10.44 51.70 -27.67
N GLN B 100 11.41 52.40 -27.07
CA GLN B 100 12.29 53.24 -27.87
C GLN B 100 13.09 52.42 -28.86
N ALA B 101 13.61 51.27 -28.43
CA ALA B 101 14.35 50.40 -29.34
C ALA B 101 13.44 49.87 -30.44
N LYS B 102 12.20 49.52 -30.10
CA LYS B 102 11.26 49.02 -31.10
C LYS B 102 10.96 50.08 -32.15
N VAL B 103 10.71 51.32 -31.72
CA VAL B 103 10.35 52.36 -32.68
C VAL B 103 11.56 52.79 -33.50
N LEU B 104 12.75 52.80 -32.89
CA LEU B 104 13.96 53.21 -33.60
C LEU B 104 14.58 52.09 -34.43
N ASP B 105 14.12 50.85 -34.26
CA ASP B 105 14.63 49.70 -34.99
C ASP B 105 16.13 49.50 -34.73
N ILE B 106 16.46 49.39 -33.45
CA ILE B 106 17.85 49.15 -33.04
C ILE B 106 17.87 47.94 -32.12
N PRO B 107 19.00 47.25 -32.04
CA PRO B 107 19.07 46.06 -31.18
C PRO B 107 18.82 46.41 -29.72
N ILE B 108 18.14 45.50 -29.03
CA ILE B 108 17.82 45.68 -27.62
C ILE B 108 19.06 45.41 -26.78
N ASP B 109 19.21 46.16 -25.69
CA ASP B 109 20.36 46.04 -24.82
C ASP B 109 20.09 44.97 -23.76
N PHE B 110 20.87 43.89 -23.81
CA PHE B 110 20.81 42.81 -22.82
C PHE B 110 22.06 42.89 -21.97
N SER B 111 21.95 43.49 -20.80
CA SER B 111 23.09 43.57 -19.89
C SER B 111 22.80 42.98 -18.52
N ALA B 112 21.55 43.04 -18.06
CA ALA B 112 21.20 42.37 -16.82
C ALA B 112 21.22 40.85 -16.99
N ALA B 113 20.91 40.37 -18.19
CA ALA B 113 20.94 38.94 -18.45
C ALA B 113 22.33 38.37 -18.27
N ALA B 114 23.35 39.11 -18.70
CA ALA B 114 24.73 38.66 -18.50
C ALA B 114 25.06 38.55 -17.02
N ASN B 115 24.64 39.53 -16.23
CA ASN B 115 24.89 39.48 -14.79
C ASN B 115 24.18 38.27 -14.16
N ALA B 116 22.93 38.03 -14.55
CA ALA B 116 22.21 36.89 -14.02
C ALA B 116 22.88 35.57 -14.39
N ALA B 117 23.33 35.45 -15.64
CA ALA B 117 24.00 34.24 -16.08
C ALA B 117 25.30 34.02 -15.32
N ARG B 118 26.06 35.10 -15.10
CA ARG B 118 27.30 34.98 -14.33
C ARG B 118 27.02 34.52 -12.91
N ASP B 119 25.99 35.09 -12.27
CA ASP B 119 25.66 34.67 -10.91
C ASP B 119 25.23 33.21 -10.86
N VAL B 120 24.42 32.78 -11.83
CA VAL B 120 23.96 31.40 -11.86
C VAL B 120 25.14 30.45 -12.06
N ALA B 121 26.07 30.81 -12.95
CA ALA B 121 27.25 29.98 -13.17
C ALA B 121 28.10 29.87 -11.91
N ILE B 122 28.27 30.99 -11.19
CA ILE B 122 29.03 30.95 -9.94
C ILE B 122 28.36 30.03 -8.95
N LEU B 123 27.03 30.13 -8.83
CA LEU B 123 26.30 29.27 -7.90
C LEU B 123 26.44 27.80 -8.28
N GLU B 124 26.38 27.51 -9.59
CA GLU B 124 26.52 26.12 -10.03
C GLU B 124 27.91 25.57 -9.71
N ASP B 125 28.95 26.38 -9.91
CA ASP B 125 30.29 25.95 -9.57
C ASP B 125 30.41 25.70 -8.07
N GLN B 126 29.82 26.57 -7.26
CA GLN B 126 29.84 26.38 -5.81
C GLN B 126 29.14 25.08 -5.43
N MET B 127 27.99 24.80 -6.05
CA MET B 127 27.27 23.57 -5.76
C MET B 127 28.08 22.35 -6.17
N ILE B 128 28.76 22.42 -7.32
CA ILE B 128 29.58 21.30 -7.76
C ILE B 128 30.71 21.04 -6.77
N PHE B 129 31.37 22.10 -6.32
CA PHE B 129 32.54 21.91 -5.47
C PHE B 129 32.21 21.69 -4.00
N TYR B 130 30.96 21.93 -3.57
CA TYR B 130 30.62 21.75 -2.17
C TYR B 130 29.31 21.00 -1.92
N GLY B 131 28.49 20.78 -2.94
CA GLY B 131 27.27 20.02 -2.75
C GLY B 131 26.18 20.83 -2.07
N SER B 132 25.01 20.21 -1.96
CA SER B 132 23.85 20.80 -1.31
C SER B 132 23.62 20.12 0.02
N LYS B 133 23.59 20.90 1.09
CA LYS B 133 23.36 20.34 2.42
C LYS B 133 21.91 19.89 2.60
N GLU B 134 20.95 20.72 2.18
CA GLU B 134 19.55 20.40 2.40
C GLU B 134 19.11 19.20 1.56
N PHE B 135 19.61 19.08 0.33
CA PHE B 135 19.31 17.91 -0.49
C PHE B 135 20.21 16.72 -0.19
N ASP B 136 21.22 16.90 0.65
CA ASP B 136 22.14 15.84 1.04
C ASP B 136 22.83 15.23 -0.17
N ILE B 137 23.58 16.06 -0.87
CA ILE B 137 24.38 15.66 -2.03
C ILE B 137 25.83 16.01 -1.75
N PRO B 138 26.75 15.05 -1.79
CA PRO B 138 28.15 15.35 -1.47
C PRO B 138 28.84 16.10 -2.60
N GLY B 139 29.95 16.75 -2.24
CA GLY B 139 30.78 17.46 -3.19
C GLY B 139 32.18 16.87 -3.27
N LEU B 140 32.99 17.48 -4.13
CA LEU B 140 34.35 17.00 -4.33
C LEU B 140 35.18 17.12 -3.06
N MET B 141 35.01 18.22 -2.32
CA MET B 141 35.83 18.48 -1.15
C MET B 141 35.29 17.86 0.14
N ASN B 142 34.13 17.20 0.09
CA ASN B 142 33.57 16.60 1.29
C ASN B 142 33.00 15.21 1.05
N VAL B 143 33.35 14.56 -0.06
CA VAL B 143 32.85 13.22 -0.30
C VAL B 143 33.49 12.23 0.67
N LYS B 144 32.85 11.08 0.83
CA LYS B 144 33.30 10.05 1.76
C LYS B 144 34.04 8.96 1.00
N GLY B 145 35.24 8.63 1.46
CA GLY B 145 36.04 7.62 0.79
C GLY B 145 37.00 8.23 -0.20
N ARG B 146 37.74 9.25 0.21
CA ARG B 146 38.66 9.98 -0.66
C ARG B 146 39.99 10.14 0.05
N SER B 147 41.03 10.37 -0.74
CA SER B 147 42.37 10.54 -0.21
C SER B 147 42.60 11.99 0.20
N THR B 148 43.36 12.17 1.28
CA THR B 148 43.69 13.51 1.77
C THR B 148 45.19 13.63 1.92
N HIS B 149 45.69 14.85 1.66
CA HIS B 149 47.11 15.17 1.79
C HIS B 149 47.25 16.52 2.47
N LEU B 150 48.34 16.67 3.20
CA LEU B 150 48.64 17.91 3.92
C LEU B 150 49.80 18.62 3.24
N ILE B 151 49.58 19.86 2.83
CA ILE B 151 50.60 20.60 2.11
C ILE B 151 51.58 21.23 3.09
N GLY B 152 52.78 21.51 2.60
CA GLY B 152 53.81 22.18 3.35
C GLY B 152 53.82 23.67 3.09
N ASN B 153 54.97 24.30 3.33
CA ASN B 153 55.15 25.72 3.08
C ASN B 153 55.47 25.91 1.60
N TRP B 154 54.56 26.54 0.86
CA TRP B 154 54.73 26.75 -0.56
C TRP B 154 55.47 28.03 -0.89
N TYR B 155 55.91 28.78 0.11
CA TYR B 155 56.72 29.97 -0.16
C TYR B 155 58.11 29.59 -0.65
N GLU B 156 58.61 28.43 -0.27
CA GLU B 156 59.89 27.94 -0.75
C GLU B 156 59.75 27.37 -2.15
N SER B 157 60.86 26.90 -2.71
CA SER B 157 60.88 26.35 -4.05
C SER B 157 60.96 24.83 -3.98
N GLY B 158 60.10 24.16 -4.74
CA GLY B 158 60.10 22.72 -4.85
C GLY B 158 59.09 22.02 -3.96
N ASN B 159 58.56 22.70 -2.95
CA ASN B 159 57.60 22.06 -2.05
C ASN B 159 56.31 21.71 -2.78
N ALA B 160 55.84 22.60 -3.66
CA ALA B 160 54.62 22.34 -4.40
C ALA B 160 54.78 21.12 -5.31
N PHE B 161 55.93 21.02 -5.97
CA PHE B 161 56.19 19.86 -6.83
C PHE B 161 56.19 18.57 -6.02
N GLN B 162 56.81 18.59 -4.84
CA GLN B 162 56.83 17.41 -3.98
C GLN B 162 55.43 17.03 -3.54
N ASP B 163 54.61 18.02 -3.16
CA ASP B 163 53.25 17.74 -2.73
C ASP B 163 52.42 17.14 -3.86
N VAL B 164 52.55 17.70 -5.07
CA VAL B 164 51.80 17.18 -6.21
C VAL B 164 52.25 15.75 -6.52
N VAL B 165 53.55 15.49 -6.46
CA VAL B 165 54.07 14.16 -6.73
C VAL B 165 53.54 13.17 -5.70
N GLU B 166 53.52 13.55 -4.42
CA GLU B 166 52.99 12.66 -3.39
C GLU B 166 51.51 12.38 -3.58
N ALA B 167 50.74 13.41 -3.94
CA ALA B 167 49.32 13.20 -4.20
C ALA B 167 49.11 12.26 -5.39
N ARG B 168 49.90 12.43 -6.45
CA ARG B 168 49.77 11.55 -7.60
C ARG B 168 50.15 10.12 -7.24
N ASN B 169 51.16 9.95 -6.40
CA ASN B 169 51.53 8.60 -5.95
C ASN B 169 50.41 7.97 -5.13
N LYS B 170 49.78 8.75 -4.26
CA LYS B 170 48.65 8.24 -3.49
C LYS B 170 47.52 7.82 -4.42
N LEU B 171 47.25 8.61 -5.45
CA LEU B 171 46.22 8.23 -6.42
C LEU B 171 46.60 6.98 -7.20
N LEU B 172 47.88 6.84 -7.56
CA LEU B 172 48.36 5.67 -8.29
C LEU B 172 48.30 4.40 -7.46
N GLU B 173 48.44 4.51 -6.15
CA GLU B 173 48.38 3.32 -5.30
C GLU B 173 47.03 2.61 -5.40
N MET B 174 45.97 3.33 -5.74
CA MET B 174 44.64 2.77 -5.88
C MET B 174 44.34 2.32 -7.31
N LYS B 175 45.36 1.96 -8.09
CA LYS B 175 45.20 1.45 -9.44
C LYS B 175 44.45 2.43 -10.34
N HIS B 176 44.79 3.72 -10.21
CA HIS B 176 44.24 4.78 -11.06
C HIS B 176 45.40 5.36 -11.87
N ASN B 177 45.33 5.20 -13.19
CA ASN B 177 46.41 5.63 -14.07
C ASN B 177 46.01 6.67 -15.08
N GLY B 178 44.75 7.06 -15.14
CA GLY B 178 44.27 7.99 -16.14
C GLY B 178 44.83 9.39 -15.96
N PRO B 179 44.59 10.25 -16.94
CA PRO B 179 45.07 11.64 -16.84
C PRO B 179 44.44 12.35 -15.65
N PHE B 180 45.23 13.22 -15.03
CA PHE B 180 44.84 13.91 -13.81
C PHE B 180 44.61 15.39 -14.08
N ALA B 181 43.72 15.99 -13.30
CA ALA B 181 43.42 17.41 -13.37
C ALA B 181 43.54 18.02 -11.98
N LEU B 182 44.09 19.22 -11.91
CA LEU B 182 44.34 19.91 -10.65
C LEU B 182 43.55 21.20 -10.62
N VAL B 183 42.85 21.45 -9.51
CA VAL B 183 42.09 22.68 -9.31
C VAL B 183 42.54 23.30 -8.01
N LEU B 184 42.80 24.62 -8.03
CA LEU B 184 43.40 25.31 -6.91
C LEU B 184 42.66 26.60 -6.59
N SER B 185 42.75 27.01 -5.34
CA SER B 185 42.26 28.30 -4.91
C SER B 185 43.16 29.41 -5.43
N PRO B 186 42.66 30.65 -5.51
CA PRO B 186 43.48 31.73 -6.07
C PRO B 186 44.79 31.95 -5.34
N GLU B 187 44.82 31.76 -4.02
CA GLU B 187 46.04 32.00 -3.26
C GLU B 187 47.14 31.02 -3.67
N LEU B 188 46.80 29.72 -3.72
CA LEU B 188 47.78 28.72 -4.12
C LEU B 188 48.20 28.92 -5.58
N TYR B 189 47.24 29.25 -6.44
CA TYR B 189 47.58 29.49 -7.84
C TYR B 189 48.55 30.65 -7.99
N SER B 190 48.34 31.73 -7.24
CA SER B 190 49.29 32.84 -7.25
C SER B 190 50.64 32.42 -6.69
N LEU B 191 50.64 31.62 -5.63
CA LEU B 191 51.90 31.15 -5.06
C LEU B 191 52.67 30.29 -6.03
N LEU B 192 51.98 29.57 -6.92
CA LEU B 192 52.66 28.74 -7.90
C LEU B 192 53.45 29.58 -8.89
N HIS B 193 52.91 30.74 -9.29
CA HIS B 193 53.55 31.62 -10.26
C HIS B 193 54.47 32.64 -9.62
N ARG B 194 54.71 32.53 -8.31
CA ARG B 194 55.51 33.53 -7.61
C ARG B 194 56.92 33.58 -8.17
N VAL B 195 57.49 34.78 -8.21
CA VAL B 195 58.86 34.99 -8.68
C VAL B 195 59.77 34.85 -7.47
N HIS B 196 60.63 33.83 -7.49
CA HIS B 196 61.50 33.57 -6.35
C HIS B 196 62.74 34.44 -6.42
N LYS B 197 63.39 34.58 -5.27
CA LYS B 197 64.58 35.42 -5.13
C LYS B 197 65.88 34.63 -5.23
N ASP B 198 65.92 33.41 -4.67
CA ASP B 198 67.15 32.62 -4.68
C ASP B 198 67.41 32.00 -6.05
N THR B 199 66.38 31.59 -6.76
CA THR B 199 66.50 30.93 -8.06
C THR B 199 65.68 31.70 -9.10
N ASN B 200 65.59 31.10 -10.29
CA ASN B 200 64.84 31.66 -11.42
C ASN B 200 63.91 30.60 -11.99
N VAL B 201 63.19 29.92 -11.12
CA VAL B 201 62.34 28.79 -11.51
C VAL B 201 60.90 29.26 -11.63
N LEU B 202 60.15 28.55 -12.47
CA LEU B 202 58.70 28.75 -12.61
C LEU B 202 58.05 27.39 -12.37
N GLU B 203 57.56 27.17 -11.15
CA GLU B 203 57.07 25.85 -10.75
C GLU B 203 55.90 25.38 -11.59
N ILE B 204 55.18 26.30 -12.25
CA ILE B 204 54.04 25.90 -13.06
C ILE B 204 54.48 25.02 -14.22
N GLU B 205 55.61 25.35 -14.84
CA GLU B 205 56.12 24.55 -15.96
C GLU B 205 56.46 23.14 -15.52
N HIS B 206 57.11 23.00 -14.36
CA HIS B 206 57.42 21.67 -13.84
C HIS B 206 56.16 20.91 -13.48
N VAL B 207 55.18 21.59 -12.87
CA VAL B 207 53.97 20.91 -12.40
C VAL B 207 53.13 20.43 -13.58
N ARG B 208 53.04 21.24 -14.65
CA ARG B 208 52.21 20.86 -15.79
C ARG B 208 52.74 19.65 -16.54
N GLU B 209 53.98 19.21 -16.25
CA GLU B 209 54.50 18.00 -16.86
C GLU B 209 53.64 16.78 -16.50
N LEU B 210 53.25 16.68 -15.23
CA LEU B 210 52.50 15.52 -14.74
C LEU B 210 51.00 15.68 -14.89
N VAL B 211 50.45 16.84 -14.56
CA VAL B 211 49.02 17.07 -14.68
C VAL B 211 48.70 17.40 -16.13
N THR B 212 48.36 16.37 -16.91
CA THR B 212 48.21 16.53 -18.34
C THR B 212 46.83 17.02 -18.76
N ASP B 213 45.89 17.17 -17.84
CA ASP B 213 44.56 17.67 -18.16
C ASP B 213 44.37 19.14 -17.79
N GLY B 214 45.44 19.82 -17.43
CA GLY B 214 45.38 21.24 -17.17
C GLY B 214 45.28 21.56 -15.69
N VAL B 215 45.76 22.74 -15.33
CA VAL B 215 45.69 23.25 -13.96
C VAL B 215 44.78 24.46 -13.96
N PHE B 216 43.71 24.41 -13.18
CA PHE B 216 42.72 25.47 -13.14
C PHE B 216 42.69 26.11 -11.77
N GLN B 217 42.19 27.35 -11.73
CA GLN B 217 41.99 28.06 -10.48
C GLN B 217 40.54 28.51 -10.39
N THR B 218 40.01 28.52 -9.16
CA THR B 218 38.63 28.92 -8.98
C THR B 218 38.48 29.76 -7.72
N PRO B 219 37.68 30.84 -7.76
CA PRO B 219 37.47 31.65 -6.56
C PRO B 219 36.53 30.99 -5.56
N VAL B 220 35.87 29.90 -5.91
CA VAL B 220 34.95 29.24 -5.00
C VAL B 220 35.69 28.70 -3.79
N LEU B 221 36.84 28.06 -4.01
CA LEU B 221 37.63 27.54 -2.91
C LEU B 221 38.19 28.68 -2.08
N LYS B 222 38.25 28.47 -0.76
CA LYS B 222 38.70 29.48 0.18
C LYS B 222 39.98 29.02 0.85
N GLY B 223 40.87 29.99 1.13
CA GLY B 223 42.12 29.66 1.78
C GLY B 223 43.07 28.93 0.86
N LYS B 224 43.87 28.05 1.45
CA LYS B 224 44.86 27.25 0.71
C LYS B 224 44.35 25.82 0.64
N THR B 225 43.55 25.53 -0.38
CA THR B 225 43.03 24.19 -0.61
C THR B 225 43.13 23.86 -2.09
N GLY B 226 43.16 22.57 -2.41
CA GLY B 226 43.19 22.14 -3.78
C GLY B 226 42.66 20.73 -3.92
N VAL B 227 42.35 20.35 -5.15
CA VAL B 227 41.81 19.03 -5.43
C VAL B 227 42.48 18.47 -6.68
N LEU B 228 42.90 17.20 -6.61
CA LEU B 228 43.43 16.46 -7.74
C LEU B 228 42.47 15.33 -8.07
N VAL B 229 42.05 15.26 -9.33
CA VAL B 229 40.99 14.35 -9.75
C VAL B 229 41.47 13.56 -10.96
N ASN B 230 41.26 12.24 -10.92
CA ASN B 230 41.50 11.38 -12.07
C ASN B 230 40.25 11.44 -12.94
N THR B 231 40.34 12.12 -14.08
CA THR B 231 39.18 12.36 -14.90
C THR B 231 38.74 11.08 -15.61
N GLY B 232 37.68 11.20 -16.41
CA GLY B 232 37.09 10.05 -17.10
C GLY B 232 35.63 9.94 -16.73
N ARG B 233 34.80 9.68 -17.73
CA ARG B 233 33.36 9.61 -17.52
C ARG B 233 32.96 8.42 -16.66
N ASN B 234 33.85 7.45 -16.46
CA ASN B 234 33.55 6.30 -15.62
C ASN B 234 33.82 6.55 -14.15
N ASN B 235 34.33 7.73 -13.79
CA ASN B 235 34.58 8.09 -12.39
C ASN B 235 33.58 9.10 -11.86
N LEU B 236 33.21 10.10 -12.65
CA LEU B 236 32.28 11.14 -12.22
C LEU B 236 31.73 11.84 -13.44
N ASP B 237 30.54 12.41 -13.30
CA ASP B 237 29.90 13.10 -14.42
C ASP B 237 28.82 14.03 -13.89
N LEU B 238 28.14 14.69 -14.82
CA LEU B 238 27.07 15.64 -14.52
C LEU B 238 25.81 15.23 -15.26
N ALA B 239 24.69 15.17 -14.54
CA ALA B 239 23.39 14.91 -15.14
C ALA B 239 22.64 16.23 -15.22
N VAL B 240 22.22 16.60 -16.43
CA VAL B 240 21.59 17.88 -16.69
C VAL B 240 20.18 17.60 -17.17
N SER B 241 19.17 17.93 -16.34
CA SER B 241 17.80 17.75 -16.76
C SER B 241 17.40 18.81 -17.78
N GLU B 242 17.83 20.06 -17.56
CA GLU B 242 17.56 21.14 -18.49
C GLU B 242 18.69 22.15 -18.37
N ASP B 243 19.25 22.55 -19.51
CA ASP B 243 20.40 23.44 -19.53
C ASP B 243 19.95 24.87 -19.29
N PHE B 244 20.85 25.83 -19.52
CA PHE B 244 20.53 27.24 -19.30
C PHE B 244 19.37 27.66 -20.18
N ASP B 245 18.40 28.36 -19.58
CA ASP B 245 17.22 28.79 -20.30
C ASP B 245 16.63 30.00 -19.59
N THR B 246 15.73 30.69 -20.29
CA THR B 246 15.09 31.89 -19.78
C THR B 246 13.57 31.74 -19.87
N ALA B 247 12.88 32.33 -18.91
CA ALA B 247 11.43 32.29 -18.85
C ALA B 247 10.88 33.68 -18.56
N TYR B 248 9.69 33.95 -19.09
CA TYR B 248 9.01 35.23 -18.89
C TYR B 248 8.12 35.11 -17.66
N LEU B 249 8.46 35.86 -16.61
CA LEU B 249 7.70 35.77 -15.37
C LEU B 249 6.30 36.35 -15.52
N GLY B 250 6.15 37.41 -16.32
CA GLY B 250 4.87 38.04 -16.50
C GLY B 250 4.90 39.52 -16.19
N GLU B 251 4.23 40.32 -17.01
CA GLU B 251 4.32 41.77 -16.90
C GLU B 251 3.79 42.26 -15.55
N GLU B 252 4.55 43.14 -14.92
CA GLU B 252 4.13 43.80 -13.68
C GLU B 252 4.71 45.20 -13.66
N GLY B 253 3.93 46.15 -13.16
CA GLY B 253 4.37 47.53 -13.13
C GLY B 253 4.75 48.07 -14.49
N MET B 254 4.09 47.59 -15.55
CA MET B 254 4.37 47.87 -16.95
C MET B 254 5.77 47.46 -17.39
N ASN B 255 6.57 46.84 -16.52
CA ASN B 255 7.90 46.38 -16.88
C ASN B 255 7.82 44.92 -17.31
N HIS B 256 8.98 44.28 -17.49
CA HIS B 256 8.97 42.88 -17.88
C HIS B 256 10.08 42.11 -17.16
N PRO B 257 9.74 41.26 -16.19
CA PRO B 257 10.76 40.45 -15.52
C PRO B 257 10.96 39.11 -16.21
N PHE B 258 12.21 38.63 -16.14
CA PHE B 258 12.60 37.35 -16.71
C PHE B 258 13.41 36.59 -15.67
N ARG B 259 13.46 35.27 -15.84
CA ARG B 259 14.19 34.40 -14.93
C ARG B 259 15.09 33.47 -15.75
N VAL B 260 16.32 33.28 -15.26
CA VAL B 260 17.27 32.34 -15.83
C VAL B 260 17.43 31.20 -14.85
N TYR B 261 17.27 29.97 -15.33
CA TYR B 261 17.21 28.80 -14.45
C TYR B 261 17.89 27.61 -15.12
N GLU B 262 18.29 26.65 -14.28
CA GLU B 262 18.89 25.42 -14.75
C GLU B 262 18.74 24.35 -13.69
N THR B 263 18.87 23.09 -14.12
CA THR B 263 18.68 21.92 -13.26
C THR B 263 19.78 20.91 -13.58
N VAL B 264 20.79 20.84 -12.69
CA VAL B 264 21.91 19.94 -12.86
C VAL B 264 22.22 19.26 -11.53
N VAL B 265 22.93 18.13 -11.62
CA VAL B 265 23.38 17.42 -10.43
C VAL B 265 24.69 16.70 -10.78
N LEU B 266 25.52 16.48 -9.77
CA LEU B 266 26.83 15.87 -9.96
C LEU B 266 26.84 14.46 -9.37
N ARG B 267 27.25 13.48 -10.18
CA ARG B 267 27.33 12.10 -9.75
C ARG B 267 28.77 11.67 -9.65
N ILE B 268 29.17 11.18 -8.48
CA ILE B 268 30.49 10.62 -8.24
C ILE B 268 30.33 9.13 -8.03
N LYS B 269 31.02 8.33 -8.83
CA LYS B 269 30.85 6.88 -8.80
C LYS B 269 32.02 6.16 -8.13
N ARG B 270 33.23 6.71 -8.20
CA ARG B 270 34.41 6.09 -7.60
C ARG B 270 35.13 7.12 -6.75
N PRO B 271 34.73 7.27 -5.50
CA PRO B 271 35.34 8.30 -4.65
C PRO B 271 36.82 8.12 -4.40
N SER B 272 37.37 6.92 -4.62
CA SER B 272 38.78 6.67 -4.38
C SER B 272 39.69 7.39 -5.37
N ALA B 273 39.14 7.93 -6.45
CA ALA B 273 39.92 8.63 -7.46
C ALA B 273 40.04 10.12 -7.21
N ILE B 274 39.90 10.57 -5.97
CA ILE B 274 39.94 11.99 -5.63
C ILE B 274 40.90 12.18 -4.46
N CYS B 275 41.82 13.13 -4.61
CA CYS B 275 42.72 13.51 -3.53
C CYS B 275 42.53 14.99 -3.25
N THR B 276 42.50 15.35 -1.97
CA THR B 276 42.31 16.73 -1.56
C THR B 276 43.51 17.21 -0.76
N LEU B 277 44.12 18.30 -1.23
CA LEU B 277 45.25 18.93 -0.56
C LEU B 277 44.72 20.02 0.36
N GLU B 278 44.98 19.86 1.66
CA GLU B 278 44.46 20.77 2.67
C GLU B 278 45.59 21.23 3.56
N ASP B 279 45.34 22.31 4.30
CA ASP B 279 46.32 22.84 5.24
C ASP B 279 46.08 22.30 6.64
N SER C 10 10.62 -20.57 -24.52
CA SER C 10 9.19 -20.69 -24.27
C SER C 10 8.72 -22.13 -24.48
N PRO C 11 9.00 -23.00 -23.50
CA PRO C 11 8.55 -24.39 -23.63
C PRO C 11 7.05 -24.53 -23.71
N LEU C 12 6.30 -23.66 -23.05
CA LEU C 12 4.85 -23.74 -23.03
C LEU C 12 4.25 -22.91 -24.16
N THR C 13 3.05 -23.32 -24.60
CA THR C 13 2.31 -22.55 -25.58
C THR C 13 1.50 -21.48 -24.85
N ASP C 14 0.61 -20.80 -25.58
CA ASP C 14 -0.12 -19.68 -24.98
C ASP C 14 -1.15 -20.14 -23.97
N GLN C 15 -1.76 -21.31 -24.16
CA GLN C 15 -2.72 -21.82 -23.19
C GLN C 15 -2.07 -22.07 -21.84
N ASP C 16 -0.89 -22.70 -21.84
CA ASP C 16 -0.21 -22.98 -20.58
C ASP C 16 0.19 -21.68 -19.88
N PHE C 17 0.63 -20.68 -20.65
CA PHE C 17 0.94 -19.38 -20.07
C PHE C 17 -0.30 -18.73 -19.47
N SER C 18 -1.44 -18.86 -20.15
CA SER C 18 -2.68 -18.28 -19.64
C SER C 18 -3.09 -18.92 -18.32
N GLN C 19 -3.04 -20.25 -18.26
CA GLN C 19 -3.34 -20.92 -16.99
C GLN C 19 -2.33 -20.58 -15.91
N LEU C 20 -1.06 -20.41 -16.27
CA LEU C 20 -0.07 -20.01 -15.27
C LEU C 20 -0.39 -18.63 -14.70
N ASP C 21 -0.72 -17.68 -15.58
CA ASP C 21 -1.05 -16.34 -15.12
C ASP C 21 -2.29 -16.34 -14.26
N GLN C 22 -3.33 -17.08 -14.67
CA GLN C 22 -4.54 -17.16 -13.87
C GLN C 22 -4.28 -17.79 -12.52
N THR C 23 -3.48 -18.86 -12.48
CA THR C 23 -3.15 -19.49 -11.21
C THR C 23 -2.44 -18.53 -10.28
N VAL C 24 -1.44 -17.81 -10.79
CA VAL C 24 -0.69 -16.87 -9.95
C VAL C 24 -1.60 -15.76 -9.45
N ILE C 25 -2.43 -15.20 -10.34
CA ILE C 25 -3.29 -14.09 -9.96
C ILE C 25 -4.30 -14.53 -8.91
N ASP C 26 -4.93 -15.69 -9.11
CA ASP C 26 -5.92 -16.17 -8.15
C ASP C 26 -5.28 -16.49 -6.81
N THR C 27 -4.10 -17.11 -6.82
CA THR C 27 -3.43 -17.42 -5.56
C THR C 27 -3.06 -16.14 -4.81
N ALA C 28 -2.58 -15.13 -5.53
CA ALA C 28 -2.19 -13.88 -4.86
C ALA C 28 -3.41 -13.14 -4.32
N ARG C 29 -4.49 -13.08 -5.11
CA ARG C 29 -5.66 -12.28 -4.72
C ARG C 29 -6.33 -12.84 -3.47
N ARG C 30 -6.39 -14.15 -3.33
CA ARG C 30 -7.05 -14.77 -2.18
C ARG C 30 -6.34 -14.50 -0.86
N GLN C 31 -5.10 -14.02 -0.89
CA GLN C 31 -4.32 -13.83 0.32
C GLN C 31 -4.13 -12.37 0.71
N LEU C 32 -4.18 -11.45 -0.26
CA LEU C 32 -3.92 -10.04 0.03
C LEU C 32 -4.99 -9.46 0.92
N ILE C 33 -4.56 -8.68 1.91
CA ILE C 33 -5.46 -8.03 2.87
C ILE C 33 -5.53 -6.53 2.62
N GLY C 34 -4.38 -5.89 2.43
CA GLY C 34 -4.35 -4.45 2.29
C GLY C 34 -5.12 -3.93 1.08
N ARG C 35 -5.11 -4.71 -0.01
CA ARG C 35 -5.82 -4.29 -1.21
C ARG C 35 -7.32 -4.27 -1.05
N ARG C 36 -7.85 -4.85 0.03
CA ARG C 36 -9.29 -4.87 0.24
C ARG C 36 -9.86 -3.53 0.69
N PHE C 37 -9.02 -2.64 1.24
CA PHE C 37 -9.51 -1.36 1.70
C PHE C 37 -8.57 -0.21 1.37
N ILE C 38 -7.58 -0.41 0.50
CA ILE C 38 -6.65 0.63 0.09
C ILE C 38 -6.71 0.76 -1.42
N GLU C 39 -6.88 1.99 -1.91
CA GLU C 39 -6.99 2.23 -3.33
C GLU C 39 -5.63 2.18 -4.00
N LEU C 40 -5.63 1.84 -5.29
CA LEU C 40 -4.41 1.75 -6.09
C LEU C 40 -4.25 2.99 -6.95
N TYR C 41 -3.02 3.49 -7.04
CA TYR C 41 -2.72 4.64 -7.88
C TYR C 41 -2.32 4.23 -9.29
N GLY C 42 -3.13 3.38 -9.90
CA GLY C 42 -2.98 3.03 -11.29
C GLY C 42 -1.72 2.24 -11.62
N PRO C 43 -1.74 1.56 -12.76
CA PRO C 43 -0.51 0.93 -13.27
C PRO C 43 0.34 1.96 -14.00
N LEU C 44 1.18 2.68 -13.26
CA LEU C 44 1.92 3.80 -13.83
C LEU C 44 2.73 3.38 -15.06
N GLY C 45 3.52 2.32 -14.93
CA GLY C 45 4.31 1.81 -16.03
C GLY C 45 5.76 1.68 -15.64
N ARG C 46 6.59 1.37 -16.63
CA ARG C 46 8.02 1.15 -16.42
C ARG C 46 8.83 2.44 -16.55
N GLY C 47 8.21 3.55 -16.91
CA GLY C 47 8.93 4.80 -17.08
C GLY C 47 9.22 5.56 -15.82
N ILE C 48 8.81 5.04 -14.66
CA ILE C 48 9.01 5.70 -13.38
C ILE C 48 9.71 4.75 -12.43
N GLN C 49 10.64 5.27 -11.64
CA GLN C 49 11.38 4.47 -10.68
C GLN C 49 11.34 5.02 -9.26
N SER C 50 10.88 6.25 -9.06
CA SER C 50 10.74 6.81 -7.72
C SER C 50 9.48 7.67 -7.68
N ILE C 51 8.95 7.87 -6.48
CA ILE C 51 7.71 8.61 -6.28
C ILE C 51 7.94 9.67 -5.22
N PHE C 52 7.06 10.67 -5.20
CA PHE C 52 7.15 11.77 -4.26
C PHE C 52 5.90 11.80 -3.39
N ASN C 53 6.10 12.05 -2.09
CA ASN C 53 5.02 12.10 -1.13
C ASN C 53 5.08 13.43 -0.39
N ASP C 54 3.94 14.09 -0.28
CA ASP C 54 3.81 15.38 0.39
C ASP C 54 3.01 15.17 1.68
N VAL C 55 3.70 15.24 2.82
CA VAL C 55 3.05 15.09 4.11
C VAL C 55 2.44 16.43 4.50
N PHE C 56 1.11 16.52 4.45
CA PHE C 56 0.40 17.76 4.74
C PHE C 56 0.13 17.83 6.23
N ILE C 57 0.87 18.67 6.94
CA ILE C 57 0.68 18.87 8.37
C ILE C 57 0.35 20.34 8.65
N SER C 77 4.03 22.10 3.86
CA SER C 77 4.12 20.69 3.45
C SER C 77 5.57 20.25 3.33
N LYS C 78 5.82 18.97 3.57
CA LYS C 78 7.15 18.38 3.49
C LYS C 78 7.15 17.35 2.38
N ARG C 79 8.10 17.44 1.46
CA ARG C 79 8.18 16.52 0.34
C ARG C 79 9.32 15.53 0.54
N VAL C 80 9.03 14.25 0.32
CA VAL C 80 10.01 13.19 0.45
C VAL C 80 9.94 12.32 -0.81
N ASN C 81 11.03 11.61 -1.08
CA ASN C 81 11.13 10.75 -2.24
C ASN C 81 11.31 9.30 -1.80
N TYR C 82 10.50 8.42 -2.37
CA TYR C 82 10.52 6.99 -2.07
C TYR C 82 10.95 6.23 -3.32
N THR C 83 11.92 5.34 -3.16
CA THR C 83 12.36 4.48 -4.24
C THR C 83 11.50 3.23 -4.28
N ILE C 84 10.94 2.93 -5.45
CA ILE C 84 10.04 1.80 -5.61
C ILE C 84 10.86 0.51 -5.58
N PRO C 85 10.59 -0.41 -4.65
CA PRO C 85 11.36 -1.65 -4.59
C PRO C 85 10.80 -2.73 -5.50
N LEU C 86 11.48 -3.86 -5.58
CA LEU C 86 11.06 -4.99 -6.42
C LEU C 86 10.94 -6.23 -5.55
N LEU C 87 9.82 -6.92 -5.67
CA LEU C 87 9.59 -8.16 -4.92
C LEU C 87 9.45 -9.31 -5.91
N TYR C 88 10.17 -10.40 -5.65
CA TYR C 88 10.23 -11.50 -6.61
C TYR C 88 10.50 -12.81 -5.88
N LYS C 89 10.14 -13.90 -6.55
CA LYS C 89 10.41 -15.26 -6.10
C LYS C 89 10.42 -16.19 -7.31
N ASP C 90 11.32 -17.16 -7.31
CA ASP C 90 11.56 -17.97 -8.48
C ASP C 90 11.23 -19.44 -8.23
N PHE C 91 10.78 -20.12 -9.29
CA PHE C 91 10.50 -21.55 -9.23
C PHE C 91 10.99 -22.19 -10.52
N VAL C 92 10.79 -23.50 -10.64
CA VAL C 92 11.35 -24.28 -11.74
C VAL C 92 10.39 -25.39 -12.13
N LEU C 93 10.26 -25.62 -13.44
CA LEU C 93 9.52 -26.73 -14.01
C LEU C 93 10.49 -27.64 -14.75
N TYR C 94 10.32 -28.95 -14.59
CA TYR C 94 11.19 -29.92 -15.23
C TYR C 94 10.62 -30.37 -16.57
N TRP C 95 11.49 -30.91 -17.42
CA TRP C 95 11.10 -31.25 -18.78
C TRP C 95 10.53 -32.66 -18.91
N ARG C 96 10.98 -33.60 -18.08
CA ARG C 96 10.43 -34.95 -18.14
C ARG C 96 8.93 -34.94 -17.82
N ASP C 97 8.54 -34.24 -16.76
CA ASP C 97 7.13 -34.18 -16.38
C ASP C 97 6.31 -33.48 -17.45
N LEU C 98 6.83 -32.40 -18.02
CA LEU C 98 6.12 -31.71 -19.09
C LEU C 98 5.91 -32.61 -20.29
N GLU C 99 6.97 -33.30 -20.73
CA GLU C 99 6.86 -34.18 -21.88
C GLU C 99 5.87 -35.30 -21.63
N GLN C 100 5.91 -35.89 -20.43
CA GLN C 100 4.90 -36.88 -20.08
C GLN C 100 3.50 -36.28 -20.11
N ALA C 101 3.38 -35.00 -19.74
CA ALA C 101 2.08 -34.35 -19.75
C ALA C 101 1.51 -34.24 -21.16
N LYS C 102 2.32 -33.79 -22.13
CA LYS C 102 1.78 -33.77 -23.49
C LYS C 102 1.61 -35.17 -24.06
N VAL C 103 2.42 -36.15 -23.62
CA VAL C 103 2.27 -37.50 -24.14
C VAL C 103 0.94 -38.10 -23.69
N LEU C 104 0.61 -37.96 -22.40
CA LEU C 104 -0.60 -38.54 -21.85
C LEU C 104 -1.82 -37.65 -21.99
N ASP C 105 -1.64 -36.39 -22.43
CA ASP C 105 -2.74 -35.44 -22.57
C ASP C 105 -3.45 -35.22 -21.24
N ILE C 106 -2.69 -34.73 -20.26
CA ILE C 106 -3.21 -34.49 -18.92
C ILE C 106 -2.86 -33.06 -18.51
N PRO C 107 -3.62 -32.48 -17.57
CA PRO C 107 -3.30 -31.11 -17.13
C PRO C 107 -1.92 -31.03 -16.49
N ILE C 108 -1.28 -29.88 -16.67
CA ILE C 108 0.08 -29.66 -16.20
C ILE C 108 0.03 -29.18 -14.75
N ASP C 109 0.83 -29.81 -13.90
CA ASP C 109 0.90 -29.41 -12.50
C ASP C 109 1.56 -28.05 -12.37
N PHE C 110 1.01 -27.21 -11.48
CA PHE C 110 1.50 -25.85 -11.27
C PHE C 110 1.59 -25.51 -9.79
N SER C 111 1.89 -26.51 -8.96
CA SER C 111 1.92 -26.29 -7.51
C SER C 111 3.03 -25.31 -7.12
N ALA C 112 4.19 -25.42 -7.78
CA ALA C 112 5.31 -24.55 -7.46
C ALA C 112 4.95 -23.08 -7.73
N ALA C 113 4.19 -22.83 -8.79
CA ALA C 113 3.79 -21.45 -9.08
C ALA C 113 2.94 -20.87 -7.96
N ALA C 114 1.98 -21.63 -7.45
CA ALA C 114 1.15 -21.15 -6.35
C ALA C 114 1.98 -20.96 -5.08
N ASN C 115 2.90 -21.90 -4.82
CA ASN C 115 3.74 -21.77 -3.63
C ASN C 115 4.60 -20.52 -3.70
N ALA C 116 5.10 -20.19 -4.89
CA ALA C 116 5.87 -18.96 -5.06
C ALA C 116 4.98 -17.73 -4.91
N ALA C 117 3.79 -17.75 -5.51
CA ALA C 117 2.90 -16.60 -5.45
C ALA C 117 2.43 -16.29 -4.04
N ARG C 118 2.29 -17.31 -3.19
CA ARG C 118 1.87 -17.06 -1.81
C ARG C 118 2.90 -16.21 -1.05
N ASP C 119 4.18 -16.53 -1.23
CA ASP C 119 5.23 -15.84 -0.47
C ASP C 119 5.36 -14.38 -0.88
N VAL C 120 5.16 -14.08 -2.16
CA VAL C 120 5.24 -12.70 -2.61
C VAL C 120 4.13 -11.86 -1.96
N ALA C 121 2.91 -12.41 -1.91
CA ALA C 121 1.82 -11.71 -1.25
C ALA C 121 2.09 -11.53 0.24
N ILE C 122 2.64 -12.55 0.89
CA ILE C 122 2.96 -12.44 2.31
C ILE C 122 3.98 -11.33 2.54
N LEU C 123 5.02 -11.27 1.70
CA LEU C 123 6.03 -10.23 1.84
C LEU C 123 5.45 -8.84 1.58
N GLU C 124 4.56 -8.74 0.60
CA GLU C 124 3.93 -7.45 0.32
C GLU C 124 3.09 -6.97 1.50
N ASP C 125 2.33 -7.88 2.12
CA ASP C 125 1.56 -7.50 3.29
C ASP C 125 2.46 -7.09 4.45
N GLN C 126 3.56 -7.82 4.64
CA GLN C 126 4.51 -7.45 5.70
C GLN C 126 5.09 -6.06 5.46
N MET C 127 5.45 -5.77 4.20
CA MET C 127 5.98 -4.44 3.88
C MET C 127 4.93 -3.36 4.11
N ILE C 128 3.69 -3.64 3.74
CA ILE C 128 2.63 -2.65 3.92
C ILE C 128 2.42 -2.35 5.39
N PHE C 129 2.39 -3.38 6.24
CA PHE C 129 2.07 -3.19 7.65
C PHE C 129 3.26 -2.83 8.51
N TYR C 130 4.49 -2.95 8.00
CA TYR C 130 5.64 -2.59 8.81
C TYR C 130 6.71 -1.77 8.09
N GLY C 131 6.68 -1.66 6.76
CA GLY C 131 7.65 -0.87 6.05
C GLY C 131 9.00 -1.57 5.93
N SER C 132 9.88 -0.94 5.17
CA SER C 132 11.23 -1.45 4.93
C SER C 132 12.23 -0.53 5.61
N LYS C 133 13.05 -1.09 6.50
CA LYS C 133 14.07 -0.31 7.19
C LYS C 133 15.26 0.02 6.29
N GLU C 134 15.47 -0.75 5.22
CA GLU C 134 16.58 -0.50 4.32
C GLU C 134 16.22 0.53 3.25
N PHE C 135 15.00 0.47 2.72
CA PHE C 135 14.52 1.50 1.81
C PHE C 135 14.01 2.74 2.53
N ASP C 136 13.92 2.70 3.86
CA ASP C 136 13.45 3.82 4.68
C ASP C 136 12.04 4.25 4.26
N ILE C 137 11.11 3.31 4.40
CA ILE C 137 9.70 3.55 4.12
C ILE C 137 8.91 3.23 5.37
N PRO C 138 8.12 4.16 5.89
CA PRO C 138 7.36 3.88 7.12
C PRO C 138 6.17 2.96 6.85
N GLY C 139 5.76 2.26 7.90
CA GLY C 139 4.61 1.38 7.85
C GLY C 139 3.45 1.94 8.65
N LEU C 140 2.32 1.24 8.54
CA LEU C 140 1.10 1.69 9.22
C LEU C 140 1.27 1.68 10.74
N MET C 141 2.09 0.79 11.26
CA MET C 141 2.24 0.64 12.71
C MET C 141 3.45 1.36 13.27
N ASN C 142 4.20 2.09 12.45
CA ASN C 142 5.36 2.81 12.95
C ASN C 142 5.51 4.21 12.34
N VAL C 143 4.53 4.68 11.56
CA VAL C 143 4.63 6.01 10.97
C VAL C 143 4.57 7.06 12.06
N LYS C 144 5.25 8.18 11.84
CA LYS C 144 5.28 9.28 12.80
C LYS C 144 4.12 10.22 12.57
N GLY C 145 3.52 10.70 13.65
CA GLY C 145 2.37 11.56 13.58
C GLY C 145 1.03 10.86 13.73
N ARG C 146 1.03 9.60 14.12
CA ARG C 146 -0.21 8.85 14.30
C ARG C 146 -0.71 9.02 15.73
N SER C 147 -1.83 8.35 16.04
CA SER C 147 -2.39 8.34 17.38
C SER C 147 -2.19 6.97 18.00
N THR C 148 -2.00 6.94 19.32
CA THR C 148 -1.74 5.71 20.04
C THR C 148 -2.78 5.54 21.14
N HIS C 149 -3.38 4.35 21.21
CA HIS C 149 -4.36 4.04 22.24
C HIS C 149 -3.94 2.78 22.97
N LEU C 150 -3.87 2.87 24.30
CA LEU C 150 -3.51 1.73 25.14
C LEU C 150 -4.79 0.97 25.51
N ILE C 151 -4.86 -0.29 25.11
CA ILE C 151 -6.03 -1.10 25.36
C ILE C 151 -5.95 -1.70 26.76
N GLY C 152 -7.10 -2.09 27.29
CA GLY C 152 -7.20 -2.74 28.58
C GLY C 152 -7.35 -4.24 28.44
N ASN C 153 -7.81 -4.86 29.53
CA ASN C 153 -8.04 -6.30 29.54
C ASN C 153 -9.29 -6.61 28.72
N TRP C 154 -9.11 -7.28 27.59
CA TRP C 154 -10.21 -7.64 26.71
C TRP C 154 -10.90 -8.94 27.10
N TYR C 155 -10.42 -9.60 28.16
CA TYR C 155 -11.05 -10.84 28.59
C TYR C 155 -12.42 -10.62 29.22
N GLU C 156 -12.74 -9.38 29.60
CA GLU C 156 -14.06 -9.06 30.12
C GLU C 156 -15.00 -8.72 28.98
N SER C 157 -16.22 -8.30 29.32
CA SER C 157 -17.24 -7.95 28.35
C SER C 157 -17.40 -6.43 28.30
N GLY C 158 -17.37 -5.87 27.09
CA GLY C 158 -17.57 -4.45 26.89
C GLY C 158 -16.31 -3.63 26.82
N ASN C 159 -15.16 -4.18 27.24
CA ASN C 159 -13.92 -3.41 27.19
C ASN C 159 -13.51 -3.13 25.75
N ALA C 160 -13.70 -4.10 24.86
CA ALA C 160 -13.36 -3.90 23.45
C ALA C 160 -14.19 -2.78 22.84
N PHE C 161 -15.50 -2.77 23.13
CA PHE C 161 -16.36 -1.71 22.62
C PHE C 161 -15.91 -0.34 23.11
N GLN C 162 -15.58 -0.24 24.40
CA GLN C 162 -15.11 1.03 24.95
C GLN C 162 -13.81 1.47 24.29
N ASP C 163 -12.88 0.54 24.08
CA ASP C 163 -11.62 0.89 23.44
C ASP C 163 -11.83 1.36 22.01
N VAL C 164 -12.69 0.69 21.26
CA VAL C 164 -12.97 1.10 19.88
C VAL C 164 -13.63 2.48 19.88
N VAL C 165 -14.56 2.72 20.79
CA VAL C 165 -15.23 4.02 20.86
C VAL C 165 -14.23 5.12 21.17
N GLU C 166 -13.31 4.87 22.12
CA GLU C 166 -12.31 5.87 22.47
C GLU C 166 -11.37 6.15 21.31
N ALA C 167 -10.96 5.10 20.58
CA ALA C 167 -10.10 5.31 19.43
C ALA C 167 -10.81 6.13 18.35
N ARG C 168 -12.09 5.82 18.10
CA ARG C 168 -12.84 6.60 17.12
C ARG C 168 -13.02 8.04 17.57
N ASN C 169 -13.18 8.27 18.87
CA ASN C 169 -13.26 9.64 19.37
C ASN C 169 -11.95 10.39 19.15
N LYS C 170 -10.83 9.71 19.40
CA LYS C 170 -9.53 10.32 19.15
C LYS C 170 -9.38 10.70 17.68
N LEU C 171 -9.83 9.80 16.78
CA LEU C 171 -9.78 10.13 15.36
C LEU C 171 -10.74 11.27 15.01
N LEU C 172 -11.91 11.30 15.63
CA LEU C 172 -12.92 12.32 15.31
C LEU C 172 -12.47 13.70 15.75
N GLU C 173 -11.73 13.79 16.84
CA GLU C 173 -11.28 15.10 17.32
C GLU C 173 -10.29 15.77 16.38
N MET C 174 -9.76 15.04 15.39
CA MET C 174 -8.83 15.60 14.41
C MET C 174 -9.50 15.87 13.07
N LYS C 175 -10.76 16.30 13.09
CA LYS C 175 -11.52 16.65 11.88
C LYS C 175 -11.58 15.50 10.88
N HIS C 176 -11.63 14.26 11.38
CA HIS C 176 -11.70 13.07 10.54
C HIS C 176 -13.02 12.36 10.83
N ASN C 177 -14.00 12.55 9.96
CA ASN C 177 -15.31 11.90 10.08
C ASN C 177 -15.63 11.24 8.74
N GLY C 178 -15.17 10.01 8.57
CA GLY C 178 -15.41 9.26 7.37
C GLY C 178 -15.47 7.77 7.64
N PRO C 179 -15.58 6.97 6.59
CA PRO C 179 -15.58 5.52 6.78
C PRO C 179 -14.30 5.05 7.46
N PHE C 180 -14.45 4.10 8.38
CA PHE C 180 -13.33 3.58 9.15
C PHE C 180 -13.15 2.10 8.87
N ALA C 181 -11.91 1.65 8.97
CA ALA C 181 -11.56 0.24 8.81
C ALA C 181 -10.73 -0.20 10.00
N LEU C 182 -11.02 -1.39 10.51
CA LEU C 182 -10.34 -1.94 11.67
C LEU C 182 -9.64 -3.23 11.28
N VAL C 183 -8.35 -3.33 11.59
CA VAL C 183 -7.56 -4.54 11.33
C VAL C 183 -6.97 -5.00 12.64
N LEU C 184 -7.19 -6.27 12.98
CA LEU C 184 -6.80 -6.82 14.26
C LEU C 184 -5.97 -8.09 14.07
N SER C 185 -5.18 -8.39 15.09
CA SER C 185 -4.48 -9.66 15.14
C SER C 185 -5.49 -10.78 15.39
N PRO C 186 -5.16 -12.01 14.98
CA PRO C 186 -6.12 -13.11 15.16
C PRO C 186 -6.53 -13.34 16.60
N GLU C 187 -5.62 -13.12 17.55
CA GLU C 187 -5.96 -13.32 18.96
C GLU C 187 -7.03 -12.34 19.41
N LEU C 188 -6.85 -11.05 19.11
CA LEU C 188 -7.86 -10.06 19.46
C LEU C 188 -9.16 -10.28 18.70
N TYR C 189 -9.07 -10.70 17.43
CA TYR C 189 -10.27 -11.00 16.66
C TYR C 189 -11.07 -12.13 17.32
N SER C 190 -10.37 -13.16 17.79
CA SER C 190 -11.04 -14.24 18.51
C SER C 190 -11.63 -13.74 19.82
N LEU C 191 -10.89 -12.89 20.55
CA LEU C 191 -11.39 -12.37 21.82
C LEU C 191 -12.65 -11.54 21.63
N LEU C 192 -12.82 -10.95 20.45
CA LEU C 192 -14.04 -10.20 20.15
C LEU C 192 -15.26 -11.09 20.08
N HIS C 193 -15.08 -12.41 19.91
CA HIS C 193 -16.19 -13.35 19.79
C HIS C 193 -16.68 -13.71 21.19
N ARG C 194 -17.56 -12.87 21.73
CA ARG C 194 -18.15 -13.11 23.04
C ARG C 194 -19.55 -12.50 23.05
N VAL C 195 -20.13 -12.39 24.23
CA VAL C 195 -21.48 -11.86 24.40
C VAL C 195 -21.39 -10.52 25.11
N HIS C 196 -21.98 -9.49 24.52
CA HIS C 196 -22.02 -8.18 25.16
C HIS C 196 -23.04 -8.19 26.29
N LYS C 197 -22.58 -7.89 27.49
CA LYS C 197 -23.43 -8.00 28.68
C LYS C 197 -24.56 -6.98 28.63
N ASP C 198 -25.68 -7.34 29.25
CA ASP C 198 -26.88 -6.52 29.43
C ASP C 198 -27.64 -6.28 28.14
N THR C 199 -27.14 -6.76 27.00
CA THR C 199 -27.86 -6.65 25.74
C THR C 199 -27.98 -7.98 25.01
N ASN C 200 -27.21 -9.00 25.39
CA ASN C 200 -27.32 -10.35 24.84
C ASN C 200 -27.09 -10.36 23.32
N VAL C 201 -26.11 -9.59 22.86
CA VAL C 201 -25.71 -9.58 21.46
C VAL C 201 -24.19 -9.77 21.40
N LEU C 202 -23.72 -10.27 20.27
CA LEU C 202 -22.29 -10.38 20.04
C LEU C 202 -21.69 -9.00 19.81
N GLU C 203 -20.53 -8.75 20.44
CA GLU C 203 -19.91 -7.43 20.33
C GLU C 203 -19.49 -7.12 18.89
N ILE C 204 -19.18 -8.15 18.11
CA ILE C 204 -18.74 -7.93 16.73
C ILE C 204 -19.85 -7.26 15.93
N GLU C 205 -21.10 -7.63 16.19
CA GLU C 205 -22.22 -6.96 15.53
C GLU C 205 -22.44 -5.56 16.06
N HIS C 206 -21.99 -5.26 17.28
CA HIS C 206 -22.05 -3.90 17.80
C HIS C 206 -20.93 -3.03 17.30
N VAL C 207 -19.86 -3.62 16.78
CA VAL C 207 -18.75 -2.85 16.21
C VAL C 207 -18.90 -2.63 14.71
N ARG C 208 -19.59 -3.53 14.00
CA ARG C 208 -19.61 -3.47 12.54
C ARG C 208 -20.34 -2.24 12.00
N GLU C 209 -21.16 -1.57 12.81
CA GLU C 209 -21.81 -0.34 12.36
C GLU C 209 -20.98 0.90 12.64
N LEU C 210 -20.18 0.88 13.71
CA LEU C 210 -19.22 1.97 13.93
C LEU C 210 -18.12 1.93 12.88
N VAL C 211 -17.57 0.75 12.63
CA VAL C 211 -16.54 0.56 11.61
C VAL C 211 -17.28 0.08 10.36
N THR C 212 -17.68 1.04 9.53
CA THR C 212 -18.58 0.75 8.42
C THR C 212 -17.88 0.15 7.20
N ASP C 213 -16.56 0.08 7.18
CA ASP C 213 -15.84 -0.48 6.05
C ASP C 213 -15.38 -1.91 6.29
N GLY C 214 -15.78 -2.51 7.40
CA GLY C 214 -15.47 -3.90 7.67
C GLY C 214 -14.33 -4.07 8.67
N VAL C 215 -14.29 -5.25 9.28
CA VAL C 215 -13.26 -5.62 10.24
C VAL C 215 -12.49 -6.79 9.66
N PHE C 216 -11.16 -6.70 9.67
CA PHE C 216 -10.31 -7.71 9.08
C PHE C 216 -9.29 -8.21 10.10
N GLN C 217 -8.77 -9.41 9.83
CA GLN C 217 -7.70 -10.00 10.62
C GLN C 217 -6.62 -10.52 9.68
N THR C 218 -5.38 -10.52 10.18
CA THR C 218 -4.26 -10.95 9.37
C THR C 218 -3.21 -11.57 10.27
N PRO C 219 -2.53 -12.63 9.82
CA PRO C 219 -1.48 -13.26 10.65
C PRO C 219 -0.21 -12.43 10.75
N VAL C 220 -0.09 -11.34 9.98
CA VAL C 220 1.11 -10.52 10.03
C VAL C 220 1.29 -9.89 11.41
N LEU C 221 0.19 -9.40 11.98
CA LEU C 221 0.25 -8.79 13.31
C LEU C 221 0.36 -9.87 14.38
N LYS C 222 1.24 -9.65 15.35
CA LYS C 222 1.46 -10.59 16.44
C LYS C 222 1.06 -9.94 17.76
N GLY C 223 0.57 -10.78 18.68
CA GLY C 223 0.19 -10.28 19.99
C GLY C 223 -1.12 -9.52 19.96
N LYS C 224 -1.25 -8.62 20.95
CA LYS C 224 -2.47 -7.80 21.09
C LYS C 224 -2.20 -6.44 20.48
N THR C 225 -2.31 -6.36 19.16
CA THR C 225 -2.13 -5.10 18.45
C THR C 225 -3.26 -4.94 17.43
N GLY C 226 -3.55 -3.70 17.08
CA GLY C 226 -4.54 -3.44 16.06
C GLY C 226 -4.38 -2.05 15.49
N VAL C 227 -5.08 -1.81 14.39
CA VAL C 227 -5.01 -0.51 13.72
C VAL C 227 -6.41 -0.10 13.27
N LEU C 228 -6.71 1.19 13.40
CA LEU C 228 -7.95 1.79 12.94
C LEU C 228 -7.58 2.92 11.98
N VAL C 229 -8.09 2.84 10.75
CA VAL C 229 -7.67 3.73 9.68
C VAL C 229 -8.89 4.36 9.04
N ASN C 230 -8.86 5.68 8.88
CA ASN C 230 -9.90 6.40 8.14
C ASN C 230 -9.59 6.28 6.66
N THR C 231 -10.38 5.50 5.94
CA THR C 231 -10.10 5.24 4.53
C THR C 231 -10.35 6.49 3.69
N GLY C 232 -9.97 6.39 2.42
CA GLY C 232 -10.06 7.51 1.51
C GLY C 232 -8.78 7.73 0.73
N ARG C 233 -8.90 7.96 -0.57
CA ARG C 233 -7.71 8.08 -1.42
C ARG C 233 -6.90 9.33 -1.10
N ASN C 234 -7.47 10.30 -0.39
CA ASN C 234 -6.73 11.49 0.00
C ASN C 234 -5.93 11.30 1.28
N ASN C 235 -6.12 10.19 1.99
CA ASN C 235 -5.40 9.91 3.22
C ASN C 235 -4.20 9.00 3.01
N LEU C 236 -4.37 7.93 2.23
CA LEU C 236 -3.29 7.01 1.94
C LEU C 236 -3.64 6.23 0.68
N ASP C 237 -2.62 5.72 0.00
CA ASP C 237 -2.84 4.99 -1.23
C ASP C 237 -1.65 4.09 -1.53
N LEU C 238 -1.81 3.28 -2.57
CA LEU C 238 -0.79 2.36 -3.03
C LEU C 238 -0.43 2.69 -4.48
N ALA C 239 0.85 2.92 -4.73
CA ALA C 239 1.36 3.20 -6.07
C ALA C 239 2.08 1.97 -6.59
N VAL C 240 1.64 1.47 -7.73
CA VAL C 240 2.19 0.26 -8.34
C VAL C 240 2.75 0.60 -9.71
N SER C 241 3.89 -0.01 -10.05
CA SER C 241 4.47 0.12 -11.38
C SER C 241 4.17 -1.08 -12.25
N GLU C 242 4.49 -2.28 -11.76
CA GLU C 242 4.14 -3.53 -12.42
C GLU C 242 3.40 -4.40 -11.42
N ASP C 243 2.27 -4.95 -11.83
CA ASP C 243 1.49 -5.82 -10.97
C ASP C 243 2.15 -7.20 -10.91
N PHE C 244 1.47 -8.18 -10.32
CA PHE C 244 1.99 -9.54 -10.28
C PHE C 244 2.20 -10.04 -11.71
N ASP C 245 3.40 -10.53 -11.98
CA ASP C 245 3.69 -10.99 -13.33
C ASP C 245 4.74 -12.10 -13.28
N THR C 246 4.81 -12.86 -14.37
CA THR C 246 5.71 -13.99 -14.51
C THR C 246 6.63 -13.76 -15.69
N ALA C 247 7.89 -14.14 -15.53
CA ALA C 247 8.91 -14.00 -16.56
C ALA C 247 9.69 -15.29 -16.69
N TYR C 248 10.08 -15.60 -17.92
CA TYR C 248 10.87 -16.79 -18.22
C TYR C 248 12.35 -16.44 -18.14
N LEU C 249 13.09 -17.17 -17.31
CA LEU C 249 14.50 -16.90 -17.08
C LEU C 249 15.41 -17.56 -18.10
N GLY C 250 14.85 -18.31 -19.05
CA GLY C 250 15.67 -18.97 -20.05
C GLY C 250 16.07 -20.37 -19.62
N GLU C 251 16.26 -21.24 -20.62
CA GLU C 251 16.55 -22.64 -20.36
C GLU C 251 17.89 -22.80 -19.64
N GLU C 252 17.95 -23.81 -18.77
CA GLU C 252 19.16 -24.10 -18.00
C GLU C 252 19.15 -25.58 -17.68
N GLY C 253 20.06 -26.33 -18.28
CA GLY C 253 20.11 -27.77 -18.06
C GLY C 253 18.86 -28.48 -18.52
N MET C 254 18.25 -28.01 -19.60
CA MET C 254 17.01 -28.51 -20.19
C MET C 254 15.80 -28.32 -19.28
N ASN C 255 15.96 -27.71 -18.12
CA ASN C 255 14.84 -27.39 -17.24
C ASN C 255 14.27 -26.04 -17.65
N HIS C 256 13.35 -25.48 -16.85
CA HIS C 256 12.73 -24.20 -17.18
C HIS C 256 12.48 -23.42 -15.90
N PRO C 257 13.30 -22.43 -15.58
CA PRO C 257 13.04 -21.57 -14.43
C PRO C 257 12.16 -20.39 -14.79
N PHE C 258 11.39 -19.95 -13.80
CA PHE C 258 10.47 -18.83 -13.94
C PHE C 258 10.58 -17.94 -12.71
N ARG C 259 10.20 -16.67 -12.89
CA ARG C 259 10.23 -15.68 -11.81
C ARG C 259 8.87 -15.01 -11.71
N VAL C 260 8.43 -14.75 -10.48
CA VAL C 260 7.20 -14.02 -10.20
C VAL C 260 7.58 -12.75 -9.48
N TYR C 261 7.14 -11.60 -10.02
CA TYR C 261 7.62 -10.32 -9.52
C TYR C 261 6.53 -9.28 -9.59
N GLU C 262 6.70 -8.23 -8.76
CA GLU C 262 5.86 -7.05 -8.80
C GLU C 262 6.58 -5.90 -8.10
N THR C 263 6.14 -4.68 -8.40
CA THR C 263 6.73 -3.45 -7.87
C THR C 263 5.63 -2.56 -7.34
N VAL C 264 5.55 -2.43 -6.00
CA VAL C 264 4.52 -1.63 -5.34
C VAL C 264 5.17 -0.81 -4.22
N VAL C 265 4.43 0.21 -3.77
CA VAL C 265 4.85 1.03 -2.65
C VAL C 265 3.61 1.67 -2.06
N LEU C 266 3.71 2.08 -0.79
CA LEU C 266 2.60 2.66 -0.05
C LEU C 266 2.91 4.09 0.33
N ARG C 267 1.98 5.01 0.06
CA ARG C 267 2.12 6.40 0.42
C ARG C 267 1.09 6.77 1.48
N ILE C 268 1.57 7.30 2.60
CA ILE C 268 0.72 7.79 3.68
C ILE C 268 0.78 9.31 3.65
N LYS C 269 -0.35 9.95 3.34
CA LYS C 269 -0.40 11.39 3.18
C LYS C 269 -0.85 12.13 4.42
N ARG C 270 -1.69 11.52 5.25
CA ARG C 270 -2.19 12.14 6.47
C ARG C 270 -1.93 11.20 7.64
N PRO C 271 -0.77 11.32 8.29
CA PRO C 271 -0.46 10.42 9.41
C PRO C 271 -1.43 10.53 10.57
N SER C 272 -2.15 11.64 10.70
CA SER C 272 -3.09 11.81 11.79
C SER C 272 -4.34 10.96 11.64
N ALA C 273 -4.55 10.32 10.49
CA ALA C 273 -5.73 9.52 10.23
C ALA C 273 -5.54 8.05 10.59
N ILE C 274 -4.62 7.74 11.51
CA ILE C 274 -4.33 6.38 11.89
C ILE C 274 -4.23 6.29 13.40
N CYS C 275 -4.93 5.33 14.00
CA CYS C 275 -4.86 5.10 15.44
C CYS C 275 -4.46 3.67 15.69
N THR C 276 -3.36 3.47 16.40
CA THR C 276 -2.84 2.14 16.70
C THR C 276 -3.23 1.74 18.10
N LEU C 277 -3.94 0.62 18.21
CA LEU C 277 -4.29 0.02 19.50
C LEU C 277 -3.12 -0.87 19.92
N GLU C 278 -2.33 -0.35 20.85
CA GLU C 278 -1.14 -1.06 21.32
C GLU C 278 -1.41 -1.66 22.69
N ASP C 279 -0.38 -2.22 23.31
CA ASP C 279 -0.52 -2.83 24.63
C ASP C 279 0.70 -2.55 25.49
N SER D 10 -4.78 29.19 -18.38
CA SER D 10 -4.73 28.10 -17.44
C SER D 10 -4.06 26.88 -18.06
N PRO D 11 -3.09 26.31 -17.34
CA PRO D 11 -2.38 25.13 -17.86
C PRO D 11 -3.29 23.93 -18.07
N LEU D 12 -4.30 23.79 -17.21
CA LEU D 12 -5.19 22.65 -17.29
C LEU D 12 -6.14 22.77 -18.48
N THR D 13 -6.50 21.63 -19.05
CA THR D 13 -7.55 21.60 -20.07
C THR D 13 -8.89 21.42 -19.37
N ASP D 14 -9.94 21.17 -20.15
CA ASP D 14 -11.29 21.07 -19.60
C ASP D 14 -11.43 19.90 -18.63
N GLN D 15 -10.81 18.76 -18.96
CA GLN D 15 -10.91 17.57 -18.12
C GLN D 15 -10.34 17.80 -16.73
N ASP D 16 -9.17 18.46 -16.65
CA ASP D 16 -8.55 18.70 -15.35
C ASP D 16 -9.38 19.67 -14.53
N PHE D 17 -9.96 20.68 -15.18
CA PHE D 17 -10.84 21.61 -14.48
C PHE D 17 -12.06 20.88 -13.92
N SER D 18 -12.65 19.99 -14.72
CA SER D 18 -13.79 19.21 -14.26
C SER D 18 -13.42 18.33 -13.07
N GLN D 19 -12.25 17.69 -13.13
CA GLN D 19 -11.79 16.87 -12.02
C GLN D 19 -11.56 17.70 -10.77
N LEU D 20 -10.99 18.89 -10.92
CA LEU D 20 -10.76 19.77 -9.78
C LEU D 20 -12.08 20.19 -9.15
N ASP D 21 -13.06 20.55 -9.98
CA ASP D 21 -14.37 20.93 -9.47
C ASP D 21 -15.03 19.78 -8.74
N GLN D 22 -14.93 18.56 -9.30
CA GLN D 22 -15.51 17.38 -8.68
C GLN D 22 -14.87 17.11 -7.33
N THR D 23 -13.54 17.21 -7.26
CA THR D 23 -12.84 16.99 -6.00
C THR D 23 -13.28 18.00 -4.95
N VAL D 24 -13.33 19.28 -5.32
CA VAL D 24 -13.73 20.31 -4.36
C VAL D 24 -15.16 20.08 -3.89
N ILE D 25 -16.05 19.75 -4.82
CA ILE D 25 -17.45 19.54 -4.47
C ILE D 25 -17.60 18.38 -3.50
N ASP D 26 -16.93 17.26 -3.79
CA ASP D 26 -17.04 16.10 -2.91
C ASP D 26 -16.44 16.38 -1.54
N THR D 27 -15.29 17.04 -1.49
CA THR D 27 -14.67 17.34 -0.20
C THR D 27 -15.55 18.27 0.63
N ALA D 28 -16.16 19.26 -0.01
CA ALA D 28 -17.07 20.15 0.72
C ALA D 28 -18.32 19.41 1.18
N ARG D 29 -18.88 18.56 0.32
CA ARG D 29 -20.12 17.89 0.66
C ARG D 29 -19.94 16.92 1.82
N ARG D 30 -18.82 16.19 1.85
CA ARG D 30 -18.63 15.22 2.91
C ARG D 30 -18.18 15.85 4.22
N GLN D 31 -17.87 17.14 4.24
CA GLN D 31 -17.35 17.79 5.44
C GLN D 31 -18.31 18.80 6.07
N LEU D 32 -19.39 19.17 5.38
CA LEU D 32 -20.30 20.19 5.88
C LEU D 32 -21.36 19.55 6.79
N ILE D 33 -21.51 20.10 7.99
CA ILE D 33 -22.46 19.60 8.97
C ILE D 33 -23.74 20.44 8.98
N GLY D 34 -23.60 21.76 8.97
CA GLY D 34 -24.77 22.62 9.06
C GLY D 34 -25.74 22.45 7.91
N ARG D 35 -25.24 22.14 6.72
CA ARG D 35 -26.10 21.99 5.56
C ARG D 35 -26.98 20.75 5.63
N ARG D 36 -26.76 19.86 6.60
CA ARG D 36 -27.53 18.62 6.66
C ARG D 36 -28.95 18.85 7.16
N PHE D 37 -29.14 19.82 8.05
CA PHE D 37 -30.46 20.05 8.64
C PHE D 37 -30.92 21.50 8.50
N ILE D 38 -30.33 22.25 7.58
CA ILE D 38 -30.70 23.65 7.36
C ILE D 38 -31.04 23.84 5.90
N GLU D 39 -32.18 24.46 5.62
CA GLU D 39 -32.60 24.69 4.26
C GLU D 39 -31.75 25.79 3.60
N LEU D 40 -31.83 25.85 2.28
CA LEU D 40 -31.08 26.83 1.49
C LEU D 40 -32.04 27.78 0.80
N TYR D 41 -31.72 29.07 0.81
CA TYR D 41 -32.54 30.06 0.13
C TYR D 41 -32.02 30.28 -1.29
N GLY D 42 -31.83 29.18 -2.02
CA GLY D 42 -31.46 29.22 -3.41
C GLY D 42 -30.12 29.86 -3.69
N PRO D 43 -29.61 29.67 -4.91
CA PRO D 43 -28.49 30.50 -5.38
C PRO D 43 -29.00 31.84 -5.87
N LEU D 44 -28.78 32.88 -5.08
CA LEU D 44 -29.36 34.19 -5.39
C LEU D 44 -28.66 34.83 -6.58
N GLY D 45 -27.34 34.74 -6.64
CA GLY D 45 -26.56 35.38 -7.68
C GLY D 45 -25.67 36.46 -7.11
N ARG D 46 -24.89 37.07 -8.01
CA ARG D 46 -23.95 38.11 -7.62
C ARG D 46 -24.53 39.51 -7.71
N GLY D 47 -25.81 39.65 -8.04
CA GLY D 47 -26.46 40.95 -8.05
C GLY D 47 -26.92 41.44 -6.70
N ILE D 48 -26.70 40.65 -5.65
CA ILE D 48 -27.13 40.99 -4.30
C ILE D 48 -25.91 40.97 -3.38
N GLN D 49 -25.74 42.04 -2.60
CA GLN D 49 -24.65 42.11 -1.64
C GLN D 49 -25.10 42.22 -0.20
N SER D 50 -26.40 42.40 0.06
CA SER D 50 -26.91 42.48 1.42
C SER D 50 -28.31 41.87 1.44
N ILE D 51 -28.71 41.41 2.62
CA ILE D 51 -29.99 40.74 2.82
C ILE D 51 -30.68 41.36 4.02
N PHE D 52 -31.99 41.14 4.10
CA PHE D 52 -32.83 41.67 5.17
C PHE D 52 -33.40 40.52 5.98
N ASN D 53 -33.30 40.62 7.30
CA ASN D 53 -33.82 39.60 8.20
C ASN D 53 -34.78 40.24 9.19
N ASP D 54 -35.98 39.68 9.29
CA ASP D 54 -36.99 40.16 10.22
C ASP D 54 -37.11 39.20 11.38
N VAL D 55 -36.68 39.64 12.55
CA VAL D 55 -36.67 38.83 13.76
C VAL D 55 -38.01 38.99 14.46
N PHE D 56 -38.64 37.86 14.79
CA PHE D 56 -39.90 37.84 15.53
C PHE D 56 -39.59 37.53 16.98
N ILE D 57 -39.87 38.48 17.87
CA ILE D 57 -39.63 38.32 19.30
C ILE D 57 -40.98 38.25 20.01
N GLU D 58 -41.15 37.22 20.83
CA GLU D 58 -42.39 37.04 21.57
C GLU D 58 -42.20 37.32 23.05
N THR D 76 -43.26 43.80 17.03
CA THR D 76 -42.86 42.40 16.99
C THR D 76 -41.67 42.17 16.07
N SER D 77 -41.92 42.29 14.76
CA SER D 77 -40.88 42.06 13.77
C SER D 77 -39.91 43.23 13.74
N LYS D 78 -38.62 42.91 13.84
CA LYS D 78 -37.56 43.92 13.74
C LYS D 78 -36.73 43.62 12.50
N ARG D 79 -36.58 44.61 11.63
CA ARG D 79 -35.81 44.41 10.41
C ARG D 79 -34.36 44.79 10.63
N VAL D 80 -33.44 43.92 10.18
CA VAL D 80 -32.01 44.13 10.31
C VAL D 80 -31.36 43.83 8.98
N ASN D 81 -30.37 44.65 8.60
CA ASN D 81 -29.64 44.45 7.35
C ASN D 81 -28.34 43.69 7.64
N TYR D 82 -28.15 42.58 6.91
CA TYR D 82 -26.95 41.77 7.02
C TYR D 82 -26.14 41.91 5.73
N THR D 83 -24.82 41.96 5.86
CA THR D 83 -23.93 42.02 4.72
C THR D 83 -23.31 40.65 4.49
N ILE D 84 -23.36 40.16 3.26
CA ILE D 84 -22.88 38.83 2.93
C ILE D 84 -21.36 38.81 2.93
N PRO D 85 -20.72 38.01 3.77
CA PRO D 85 -19.26 37.92 3.79
C PRO D 85 -18.77 37.01 2.68
N LEU D 86 -17.45 36.99 2.51
CA LEU D 86 -16.80 36.15 1.52
C LEU D 86 -15.77 35.26 2.21
N LEU D 87 -15.81 33.97 1.93
CA LEU D 87 -14.86 33.03 2.50
C LEU D 87 -14.04 32.40 1.39
N TYR D 88 -12.73 32.32 1.59
CA TYR D 88 -11.82 31.89 0.53
C TYR D 88 -10.56 31.29 1.13
N LYS D 89 -9.86 30.51 0.31
CA LYS D 89 -8.58 29.94 0.67
C LYS D 89 -7.82 29.60 -0.61
N ASP D 90 -6.50 29.78 -0.58
CA ASP D 90 -5.66 29.67 -1.77
C ASP D 90 -4.76 28.45 -1.69
N PHE D 91 -4.54 27.82 -2.84
CA PHE D 91 -3.58 26.74 -3.00
C PHE D 91 -2.79 26.93 -4.28
N VAL D 92 -1.77 26.11 -4.48
CA VAL D 92 -0.81 26.31 -5.56
C VAL D 92 -0.45 24.98 -6.21
N LEU D 93 -0.26 25.01 -7.52
CA LEU D 93 0.26 23.89 -8.29
C LEU D 93 1.64 24.25 -8.85
N TYR D 94 2.57 23.30 -8.75
CA TYR D 94 3.95 23.50 -9.14
C TYR D 94 4.19 22.96 -10.54
N TRP D 95 4.80 23.78 -11.41
CA TRP D 95 4.90 23.45 -12.82
C TRP D 95 5.67 22.16 -13.07
N ARG D 96 6.63 21.82 -12.20
CA ARG D 96 7.39 20.60 -12.38
C ARG D 96 6.48 19.38 -12.35
N ASP D 97 5.51 19.37 -11.43
CA ASP D 97 4.62 18.20 -11.29
C ASP D 97 3.75 18.03 -12.52
N LEU D 98 3.15 19.11 -13.02
CA LEU D 98 2.33 18.98 -14.22
C LEU D 98 3.17 18.60 -15.43
N GLU D 99 4.39 19.14 -15.53
CA GLU D 99 5.25 18.75 -16.64
C GLU D 99 5.58 17.27 -16.60
N GLN D 100 5.93 16.76 -15.42
CA GLN D 100 6.23 15.34 -15.29
C GLN D 100 5.01 14.48 -15.60
N ALA D 101 3.83 14.90 -15.12
CA ALA D 101 2.61 14.14 -15.38
C ALA D 101 2.29 14.12 -16.88
N LYS D 102 2.47 15.26 -17.55
CA LYS D 102 2.23 15.31 -18.99
C LYS D 102 3.20 14.41 -19.73
N VAL D 103 4.48 14.43 -19.34
CA VAL D 103 5.48 13.62 -20.04
C VAL D 103 5.19 12.13 -19.84
N LEU D 104 4.93 11.73 -18.60
CA LEU D 104 4.71 10.32 -18.28
C LEU D 104 3.28 9.85 -18.53
N ASP D 105 2.36 10.77 -18.84
CA ASP D 105 0.96 10.44 -19.09
C ASP D 105 0.33 9.73 -17.88
N ILE D 106 0.36 10.43 -16.75
CA ILE D 106 -0.24 9.92 -15.52
C ILE D 106 -1.20 10.98 -14.99
N PRO D 107 -2.22 10.57 -14.24
CA PRO D 107 -3.20 11.55 -13.74
C PRO D 107 -2.58 12.55 -12.78
N ILE D 108 -3.12 13.77 -12.82
CA ILE D 108 -2.61 14.84 -11.97
C ILE D 108 -3.08 14.63 -10.53
N ASP D 109 -2.35 15.22 -9.59
CA ASP D 109 -2.60 15.06 -8.16
C ASP D 109 -3.20 16.34 -7.61
N PHE D 110 -4.53 16.34 -7.43
CA PHE D 110 -5.24 17.44 -6.81
C PHE D 110 -5.37 17.14 -5.33
N SER D 111 -4.35 17.51 -4.56
CA SER D 111 -4.32 17.23 -3.13
C SER D 111 -4.46 18.49 -2.29
N ALA D 112 -3.84 19.59 -2.70
CA ALA D 112 -3.97 20.83 -1.94
C ALA D 112 -5.39 21.38 -2.02
N ALA D 113 -6.11 21.10 -3.11
CA ALA D 113 -7.48 21.55 -3.22
C ALA D 113 -8.35 20.95 -2.13
N ALA D 114 -8.11 19.69 -1.77
CA ALA D 114 -8.86 19.07 -0.69
C ALA D 114 -8.62 19.78 0.62
N ASN D 115 -7.37 20.13 0.91
CA ASN D 115 -7.07 20.86 2.15
C ASN D 115 -7.73 22.22 2.16
N ALA D 116 -7.69 22.94 1.03
CA ALA D 116 -8.34 24.24 0.95
C ALA D 116 -9.84 24.12 1.18
N ALA D 117 -10.47 23.12 0.55
CA ALA D 117 -11.91 22.93 0.72
C ALA D 117 -12.25 22.58 2.16
N ARG D 118 -11.44 21.75 2.80
CA ARG D 118 -11.67 21.40 4.20
C ARG D 118 -11.57 22.63 5.09
N ASP D 119 -10.56 23.47 4.85
CA ASP D 119 -10.42 24.68 5.66
C ASP D 119 -11.59 25.63 5.47
N VAL D 120 -12.04 25.79 4.22
CA VAL D 120 -13.18 26.67 3.95
C VAL D 120 -14.43 26.14 4.63
N ALA D 121 -14.66 24.82 4.56
CA ALA D 121 -15.83 24.24 5.21
C ALA D 121 -15.78 24.41 6.72
N ILE D 122 -14.59 24.23 7.31
CA ILE D 122 -14.45 24.41 8.75
C ILE D 122 -14.75 25.85 9.14
N LEU D 123 -14.23 26.80 8.35
CA LEU D 123 -14.50 28.22 8.63
C LEU D 123 -15.99 28.52 8.52
N GLU D 124 -16.66 27.98 7.50
CA GLU D 124 -18.08 28.22 7.35
C GLU D 124 -18.88 27.64 8.52
N ASP D 125 -18.52 26.44 8.96
CA ASP D 125 -19.22 25.84 10.10
C ASP D 125 -18.99 26.67 11.36
N GLN D 126 -17.77 27.16 11.56
CA GLN D 126 -17.49 28.01 12.71
C GLN D 126 -18.30 29.29 12.66
N MET D 127 -18.42 29.89 11.48
CA MET D 127 -19.23 31.10 11.34
C MET D 127 -20.70 30.82 11.61
N ILE D 128 -21.20 29.67 11.16
CA ILE D 128 -22.59 29.31 11.41
C ILE D 128 -22.84 29.14 12.90
N PHE D 129 -21.93 28.44 13.60
CA PHE D 129 -22.18 28.13 15.00
C PHE D 129 -21.79 29.24 15.96
N TYR D 130 -21.04 30.25 15.52
CA TYR D 130 -20.66 31.33 16.41
C TYR D 130 -20.80 32.72 15.84
N GLY D 131 -21.05 32.89 14.54
CA GLY D 131 -21.20 34.20 13.96
C GLY D 131 -19.88 34.92 13.79
N SER D 132 -19.96 36.10 13.18
CA SER D 132 -18.81 36.95 12.93
C SER D 132 -18.93 38.22 13.76
N LYS D 133 -17.93 38.49 14.59
CA LYS D 133 -17.96 39.70 15.41
C LYS D 133 -17.74 40.95 14.57
N GLU D 134 -16.96 40.86 13.50
CA GLU D 134 -16.72 42.02 12.65
C GLU D 134 -18.01 42.49 11.99
N PHE D 135 -18.83 41.57 11.51
CA PHE D 135 -20.10 41.91 10.89
C PHE D 135 -21.27 41.81 11.86
N ASP D 136 -20.98 41.59 13.14
CA ASP D 136 -21.98 41.48 14.22
C ASP D 136 -23.20 40.67 13.79
N ILE D 137 -22.94 39.48 13.27
CA ILE D 137 -23.98 38.52 12.92
C ILE D 137 -24.05 37.47 14.03
N PRO D 138 -25.19 37.31 14.69
CA PRO D 138 -25.26 36.35 15.80
C PRO D 138 -25.19 34.91 15.32
N GLY D 139 -24.72 34.04 16.21
CA GLY D 139 -24.62 32.63 15.94
C GLY D 139 -25.62 31.81 16.76
N LEU D 140 -25.59 30.50 16.50
CA LEU D 140 -26.53 29.60 17.15
C LEU D 140 -26.31 29.55 18.66
N MET D 141 -25.05 29.56 19.10
CA MET D 141 -24.74 29.42 20.52
C MET D 141 -24.65 30.74 21.26
N ASN D 142 -24.90 31.87 20.58
CA ASN D 142 -24.82 33.16 21.25
C ASN D 142 -25.94 34.11 20.86
N VAL D 143 -26.99 33.64 20.20
CA VAL D 143 -28.10 34.52 19.85
C VAL D 143 -28.87 34.92 21.10
N LYS D 144 -29.60 36.02 20.99
CA LYS D 144 -30.40 36.54 22.09
C LYS D 144 -31.86 36.15 21.89
N GLY D 145 -32.48 35.65 22.96
CA GLY D 145 -33.83 35.14 22.88
C GLY D 145 -33.94 33.65 22.76
N ARG D 146 -32.99 32.90 23.31
CA ARG D 146 -32.96 31.45 23.24
C ARG D 146 -33.14 30.87 24.64
N SER D 147 -33.25 29.55 24.70
CA SER D 147 -33.34 28.84 25.97
C SER D 147 -32.00 28.20 26.30
N THR D 148 -31.67 28.16 27.58
CA THR D 148 -30.43 27.56 28.05
C THR D 148 -30.75 26.49 29.10
N HIS D 149 -30.03 25.37 29.01
CA HIS D 149 -30.17 24.28 29.95
C HIS D 149 -28.81 23.86 30.47
N LEU D 150 -28.71 23.73 31.79
CA LEU D 150 -27.47 23.33 32.45
C LEU D 150 -27.45 21.81 32.59
N ILE D 151 -26.45 21.18 31.98
CA ILE D 151 -26.35 19.73 32.04
C ILE D 151 -25.66 19.31 33.34
N GLY D 152 -25.86 18.05 33.70
CA GLY D 152 -25.26 17.47 34.88
C GLY D 152 -24.02 16.66 34.55
N ASN D 153 -23.88 15.51 35.20
CA ASN D 153 -22.76 14.61 34.98
C ASN D 153 -23.23 13.50 34.04
N TRP D 154 -22.70 13.50 32.81
CA TRP D 154 -23.11 12.55 31.80
C TRP D 154 -22.36 11.22 31.90
N TYR D 155 -21.42 11.08 32.83
CA TYR D 155 -20.73 9.81 33.00
C TYR D 155 -21.70 8.73 33.49
N GLU D 156 -22.58 9.08 34.43
CA GLU D 156 -23.57 8.14 34.90
C GLU D 156 -24.61 7.88 33.83
N SER D 157 -25.03 6.62 33.70
CA SER D 157 -26.01 6.26 32.69
C SER D 157 -27.38 6.83 33.03
N GLY D 158 -28.07 7.34 32.01
CA GLY D 158 -29.42 7.84 32.14
C GLY D 158 -29.51 9.34 32.33
N ASN D 159 -28.42 10.00 32.75
CA ASN D 159 -28.47 11.44 32.96
C ASN D 159 -28.66 12.19 31.65
N ALA D 160 -28.01 11.72 30.57
CA ALA D 160 -28.12 12.40 29.29
C ALA D 160 -29.54 12.32 28.74
N PHE D 161 -30.19 11.17 28.90
CA PHE D 161 -31.57 11.04 28.46
C PHE D 161 -32.48 12.02 29.21
N GLN D 162 -32.28 12.14 30.53
CA GLN D 162 -33.06 13.08 31.30
C GLN D 162 -32.82 14.51 30.85
N ASP D 163 -31.56 14.86 30.58
CA ASP D 163 -31.24 16.22 30.14
C ASP D 163 -31.89 16.53 28.80
N VAL D 164 -31.84 15.58 27.86
CA VAL D 164 -32.45 15.81 26.56
C VAL D 164 -33.96 15.93 26.70
N VAL D 165 -34.57 15.10 27.56
CA VAL D 165 -36.01 15.18 27.77
C VAL D 165 -36.38 16.54 28.36
N GLU D 166 -35.61 17.02 29.33
CA GLU D 166 -35.91 18.32 29.93
C GLU D 166 -35.73 19.45 28.94
N ALA D 167 -34.70 19.39 28.09
CA ALA D 167 -34.51 20.42 27.08
C ALA D 167 -35.67 20.44 26.08
N ARG D 168 -36.10 19.26 25.64
CA ARG D 168 -37.24 19.21 24.73
C ARG D 168 -38.51 19.70 25.40
N ASN D 169 -38.67 19.42 26.70
CA ASN D 169 -39.83 19.96 27.42
C ASN D 169 -39.79 21.47 27.48
N LYS D 170 -38.61 22.05 27.73
CA LYS D 170 -38.48 23.50 27.71
C LYS D 170 -38.84 24.07 26.34
N LEU D 171 -38.38 23.41 25.28
CA LEU D 171 -38.74 23.85 23.93
C LEU D 171 -40.22 23.61 23.62
N LEU D 172 -40.88 22.71 24.34
CA LEU D 172 -42.25 22.34 24.01
C LEU D 172 -43.26 23.39 24.46
N GLU D 173 -43.03 24.03 25.60
CA GLU D 173 -43.98 25.03 26.07
C GLU D 173 -43.70 26.37 25.40
N MET D 174 -43.56 26.35 24.08
CA MET D 174 -43.44 27.56 23.28
C MET D 174 -44.18 27.41 21.96
N LYS D 175 -45.15 26.50 21.88
CA LYS D 175 -45.84 26.16 20.65
C LYS D 175 -44.88 25.66 19.57
N HIS D 176 -43.83 24.97 19.99
CA HIS D 176 -42.86 24.35 19.08
C HIS D 176 -42.93 22.84 19.27
N ASN D 177 -43.30 22.13 18.21
CA ASN D 177 -43.39 20.67 18.28
C ASN D 177 -42.87 19.99 17.02
N GLY D 178 -42.18 20.71 16.14
CA GLY D 178 -41.71 20.14 14.91
C GLY D 178 -40.53 19.20 15.13
N PRO D 179 -40.04 18.61 14.05
CA PRO D 179 -38.89 17.70 14.16
C PRO D 179 -37.67 18.42 14.72
N PHE D 180 -37.09 17.86 15.77
CA PHE D 180 -35.95 18.45 16.44
C PHE D 180 -34.65 17.83 15.94
N ALA D 181 -33.57 18.59 16.03
CA ALA D 181 -32.24 18.13 15.68
C ALA D 181 -31.28 18.46 16.80
N LEU D 182 -30.32 17.57 17.04
CA LEU D 182 -29.38 17.71 18.15
C LEU D 182 -27.96 17.66 17.60
N VAL D 183 -27.14 18.62 18.03
CA VAL D 183 -25.74 18.68 17.66
C VAL D 183 -24.91 18.74 18.93
N LEU D 184 -23.91 17.87 19.04
CA LEU D 184 -23.13 17.73 20.26
C LEU D 184 -21.64 17.78 19.94
N SER D 185 -20.86 18.09 20.96
CA SER D 185 -19.42 18.00 20.86
C SER D 185 -19.00 16.52 20.80
N PRO D 186 -17.83 16.24 20.23
CA PRO D 186 -17.42 14.83 20.09
C PRO D 186 -17.34 14.08 21.41
N GLU D 187 -16.96 14.75 22.50
CA GLU D 187 -16.87 14.07 23.79
C GLU D 187 -18.25 13.60 24.26
N LEU D 188 -19.23 14.49 24.22
CA LEU D 188 -20.58 14.11 24.62
C LEU D 188 -21.17 13.08 23.66
N TYR D 189 -20.87 13.19 22.37
CA TYR D 189 -21.33 12.22 21.40
C TYR D 189 -20.78 10.83 21.70
N SER D 190 -19.50 10.75 22.07
CA SER D 190 -18.91 9.47 22.43
C SER D 190 -19.48 8.94 23.74
N LEU D 191 -19.71 9.83 24.70
CA LEU D 191 -20.23 9.41 26.00
C LEU D 191 -21.63 8.80 25.90
N LEU D 192 -22.33 9.03 24.79
CA LEU D 192 -23.70 8.55 24.62
C LEU D 192 -23.77 7.12 24.11
N HIS D 193 -22.64 6.48 23.83
CA HIS D 193 -22.62 5.17 23.20
C HIS D 193 -22.49 4.04 24.21
N ARG D 194 -23.04 4.21 25.41
CA ARG D 194 -23.07 3.16 26.42
C ARG D 194 -24.46 2.54 26.48
N VAL D 195 -24.60 1.55 27.34
CA VAL D 195 -25.87 0.82 27.49
C VAL D 195 -26.72 1.54 28.53
N HIS D 196 -27.97 1.79 28.19
CA HIS D 196 -28.88 2.44 29.13
C HIS D 196 -29.14 1.53 30.32
N LYS D 197 -29.08 2.12 31.52
CA LYS D 197 -29.25 1.34 32.74
C LYS D 197 -30.66 0.75 32.82
N ASP D 198 -30.74 -0.51 33.26
CA ASP D 198 -31.99 -1.24 33.39
C ASP D 198 -32.74 -1.34 32.06
N THR D 199 -31.98 -1.40 30.96
CA THR D 199 -32.57 -1.53 29.63
C THR D 199 -31.60 -2.31 28.76
N ASN D 200 -32.15 -3.00 27.75
CA ASN D 200 -31.32 -3.77 26.84
C ASN D 200 -30.61 -2.89 25.82
N VAL D 201 -31.28 -1.85 25.33
CA VAL D 201 -30.76 -1.04 24.23
C VAL D 201 -29.79 0.01 24.77
N LEU D 202 -29.05 0.64 23.85
CA LEU D 202 -28.14 1.72 24.19
C LEU D 202 -28.88 3.05 24.19
N GLU D 203 -28.25 4.06 24.79
CA GLU D 203 -28.85 5.39 24.87
C GLU D 203 -28.99 6.04 23.50
N ILE D 204 -28.22 5.59 22.50
CA ILE D 204 -28.31 6.17 21.17
C ILE D 204 -29.72 6.00 20.61
N GLU D 205 -30.27 4.79 20.72
CA GLU D 205 -31.59 4.53 20.15
C GLU D 205 -32.68 5.33 20.87
N HIS D 206 -32.61 5.38 22.20
CA HIS D 206 -33.61 6.13 22.96
C HIS D 206 -33.54 7.61 22.63
N VAL D 207 -32.33 8.17 22.50
CA VAL D 207 -32.19 9.57 22.16
C VAL D 207 -32.70 9.83 20.75
N ARG D 208 -32.35 8.95 19.79
CA ARG D 208 -32.81 9.12 18.42
C ARG D 208 -34.31 8.96 18.30
N GLU D 209 -34.96 8.27 19.24
CA GLU D 209 -36.41 8.20 19.22
C GLU D 209 -37.04 9.58 19.39
N LEU D 210 -36.52 10.37 20.34
CA LEU D 210 -37.05 11.72 20.56
C LEU D 210 -36.64 12.66 19.43
N VAL D 211 -35.37 12.62 19.05
CA VAL D 211 -34.84 13.53 18.03
C VAL D 211 -34.96 12.82 16.68
N THR D 212 -35.97 13.19 15.91
CA THR D 212 -36.30 12.49 14.67
C THR D 212 -35.53 13.02 13.47
N ASP D 213 -34.69 14.03 13.63
CA ASP D 213 -33.90 14.56 12.54
C ASP D 213 -32.42 14.21 12.66
N GLY D 214 -32.07 13.27 13.52
CA GLY D 214 -30.70 12.79 13.62
C GLY D 214 -29.91 13.52 14.69
N VAL D 215 -28.83 12.87 15.12
CA VAL D 215 -27.89 13.41 16.10
C VAL D 215 -26.55 13.57 15.41
N PHE D 216 -26.02 14.78 15.43
CA PHE D 216 -24.77 15.08 14.74
C PHE D 216 -23.71 15.53 15.74
N GLN D 217 -22.45 15.41 15.31
CA GLN D 217 -21.32 15.89 16.08
C GLN D 217 -20.38 16.66 15.17
N THR D 218 -19.75 17.69 15.73
CA THR D 218 -18.78 18.50 15.00
C THR D 218 -17.65 18.87 15.94
N PRO D 219 -16.42 19.01 15.41
CA PRO D 219 -15.31 19.42 16.26
C PRO D 219 -15.26 20.90 16.57
N VAL D 220 -16.16 21.70 15.97
CA VAL D 220 -16.19 23.13 16.26
C VAL D 220 -16.53 23.38 17.72
N LEU D 221 -17.54 22.68 18.24
CA LEU D 221 -17.89 22.81 19.64
C LEU D 221 -16.81 22.19 20.51
N LYS D 222 -16.51 22.85 21.62
CA LYS D 222 -15.46 22.42 22.54
C LYS D 222 -16.05 22.18 23.92
N GLY D 223 -15.48 21.19 24.61
CA GLY D 223 -15.97 20.87 25.94
C GLY D 223 -17.32 20.18 25.90
N LYS D 224 -18.11 20.41 26.96
CA LYS D 224 -19.44 19.82 27.09
C LYS D 224 -20.48 20.86 26.72
N THR D 225 -20.73 20.99 25.43
CA THR D 225 -21.73 21.91 24.91
C THR D 225 -22.57 21.22 23.84
N GLY D 226 -23.80 21.67 23.68
CA GLY D 226 -24.66 21.12 22.66
C GLY D 226 -25.77 22.08 22.31
N VAL D 227 -26.46 21.78 21.21
CA VAL D 227 -27.56 22.62 20.76
C VAL D 227 -28.70 21.74 20.25
N LEU D 228 -29.92 22.07 20.64
CA LEU D 228 -31.13 21.42 20.17
C LEU D 228 -31.96 22.47 19.43
N VAL D 229 -32.33 22.17 18.18
CA VAL D 229 -32.94 23.15 17.29
C VAL D 229 -34.20 22.54 16.69
N ASN D 230 -35.29 23.28 16.74
CA ASN D 230 -36.52 22.90 16.05
C ASN D 230 -36.39 23.34 14.59
N THR D 231 -36.15 22.37 13.70
CA THR D 231 -35.89 22.69 12.31
C THR D 231 -37.13 23.25 11.63
N GLY D 232 -36.96 23.68 10.38
CA GLY D 232 -38.04 24.28 9.64
C GLY D 232 -37.61 25.55 8.92
N ARG D 233 -38.14 25.76 7.72
CA ARG D 233 -37.76 26.94 6.93
C ARG D 233 -38.18 28.23 7.61
N ASN D 234 -39.27 28.21 8.37
CA ASN D 234 -39.80 29.42 8.99
C ASN D 234 -39.04 29.82 10.26
N ASN D 235 -38.10 28.99 10.73
CA ASN D 235 -37.34 29.30 11.92
C ASN D 235 -35.95 29.84 11.61
N LEU D 236 -35.21 29.15 10.75
CA LEU D 236 -33.86 29.56 10.38
C LEU D 236 -33.52 28.96 9.03
N ASP D 237 -32.62 29.65 8.31
CA ASP D 237 -32.23 29.18 6.99
C ASP D 237 -30.89 29.80 6.62
N LEU D 238 -30.42 29.43 5.43
CA LEU D 238 -29.14 29.89 4.90
C LEU D 238 -29.35 30.58 3.56
N ALA D 239 -28.84 31.80 3.43
CA ALA D 239 -28.87 32.54 2.18
C ALA D 239 -27.50 32.44 1.52
N VAL D 240 -27.45 31.86 0.33
CA VAL D 240 -26.21 31.62 -0.39
C VAL D 240 -26.25 32.43 -1.67
N SER D 241 -25.30 33.37 -1.81
CA SER D 241 -25.25 34.14 -3.04
C SER D 241 -24.39 33.46 -4.10
N GLU D 242 -23.30 32.81 -3.68
CA GLU D 242 -22.46 32.03 -4.57
C GLU D 242 -21.95 30.82 -3.81
N ASP D 243 -22.10 29.63 -4.40
CA ASP D 243 -21.70 28.40 -3.74
C ASP D 243 -20.20 28.22 -3.87
N PHE D 244 -19.70 27.04 -3.52
CA PHE D 244 -18.28 26.75 -3.63
C PHE D 244 -17.83 26.86 -5.08
N ASP D 245 -16.73 27.58 -5.29
CA ASP D 245 -16.23 27.74 -6.65
C ASP D 245 -14.73 27.97 -6.60
N THR D 246 -14.09 27.75 -7.75
CA THR D 246 -12.65 27.89 -7.91
C THR D 246 -12.34 28.97 -8.93
N ALA D 247 -11.27 29.71 -8.68
CA ALA D 247 -10.84 30.79 -9.56
C ALA D 247 -9.33 30.72 -9.76
N TYR D 248 -8.89 31.08 -10.95
CA TYR D 248 -7.47 31.09 -11.29
C TYR D 248 -6.92 32.49 -11.09
N LEU D 249 -5.88 32.61 -10.27
CA LEU D 249 -5.30 33.90 -9.92
C LEU D 249 -4.21 34.34 -10.88
N GLY D 250 -3.91 33.56 -11.91
CA GLY D 250 -2.88 33.92 -12.86
C GLY D 250 -1.51 33.37 -12.49
N GLU D 251 -0.67 33.15 -13.50
CA GLU D 251 0.64 32.55 -13.27
C GLU D 251 1.52 33.48 -12.44
N GLU D 252 2.33 32.88 -11.57
CA GLU D 252 3.27 33.64 -10.75
C GLU D 252 4.46 32.75 -10.44
N GLY D 253 5.64 33.15 -10.88
CA GLY D 253 6.84 32.35 -10.67
C GLY D 253 6.78 31.01 -11.35
N MET D 254 6.16 30.95 -12.53
CA MET D 254 5.96 29.72 -13.31
C MET D 254 5.06 28.73 -12.59
N ASN D 255 4.56 29.09 -11.41
CA ASN D 255 3.63 28.24 -10.68
C ASN D 255 2.21 28.62 -11.07
N HIS D 256 1.21 28.03 -10.42
CA HIS D 256 -0.19 28.32 -10.74
C HIS D 256 -1.02 28.33 -9.46
N PRO D 257 -1.37 29.51 -8.96
CA PRO D 257 -2.25 29.58 -7.78
C PRO D 257 -3.72 29.62 -8.15
N PHE D 258 -4.52 28.97 -7.31
CA PHE D 258 -5.97 28.96 -7.41
C PHE D 258 -6.56 29.33 -6.06
N ARG D 259 -7.82 29.77 -6.09
CA ARG D 259 -8.53 30.17 -4.88
C ARG D 259 -9.93 29.57 -4.88
N VAL D 260 -10.31 28.97 -3.76
CA VAL D 260 -11.65 28.43 -3.56
C VAL D 260 -12.41 29.41 -2.67
N TYR D 261 -13.65 29.70 -3.06
CA TYR D 261 -14.41 30.75 -2.38
C TYR D 261 -15.91 30.46 -2.45
N GLU D 262 -16.62 31.08 -1.51
CA GLU D 262 -18.08 31.06 -1.52
C GLU D 262 -18.59 32.18 -0.61
N THR D 263 -19.86 32.54 -0.80
CA THR D 263 -20.51 33.63 -0.07
C THR D 263 -21.85 33.14 0.47
N VAL D 264 -21.93 32.96 1.80
CA VAL D 264 -23.12 32.48 2.47
C VAL D 264 -23.36 33.33 3.71
N VAL D 265 -24.58 33.22 4.24
CA VAL D 265 -24.95 33.88 5.50
C VAL D 265 -26.10 33.10 6.12
N LEU D 266 -26.24 33.21 7.44
CA LEU D 266 -27.25 32.48 8.19
C LEU D 266 -28.29 33.45 8.74
N ARG D 267 -29.57 33.16 8.49
CA ARG D 267 -30.66 33.97 8.97
C ARG D 267 -31.44 33.19 10.03
N ILE D 268 -31.51 33.75 11.24
CA ILE D 268 -32.28 33.18 12.34
C ILE D 268 -33.51 34.04 12.53
N LYS D 269 -34.68 33.47 12.30
CA LYS D 269 -35.93 34.23 12.34
C LYS D 269 -36.69 34.06 13.66
N ARG D 270 -36.59 32.91 14.31
CA ARG D 270 -37.29 32.65 15.56
C ARG D 270 -36.29 32.18 16.61
N PRO D 271 -35.71 33.12 17.37
CA PRO D 271 -34.69 32.73 18.35
C PRO D 271 -35.23 31.83 19.45
N SER D 272 -36.54 31.79 19.67
CA SER D 272 -37.11 30.96 20.74
C SER D 272 -37.06 29.47 20.44
N ALA D 273 -36.71 29.09 19.21
CA ALA D 273 -36.68 27.69 18.81
C ALA D 273 -35.29 27.06 18.95
N ILE D 274 -34.48 27.54 19.90
CA ILE D 274 -33.13 27.03 20.11
C ILE D 274 -32.91 26.84 21.61
N CYS D 275 -32.41 25.67 21.99
CA CYS D 275 -32.05 25.39 23.37
C CYS D 275 -30.61 24.92 23.43
N THR D 276 -29.77 25.65 24.15
CA THR D 276 -28.35 25.35 24.23
C THR D 276 -28.03 24.68 25.55
N LEU D 277 -27.40 23.52 25.48
CA LEU D 277 -26.96 22.76 26.64
C LEU D 277 -25.54 23.19 27.00
N GLU D 278 -25.38 23.78 28.18
CA GLU D 278 -24.10 24.29 28.64
C GLU D 278 -23.77 23.70 29.99
N ASP D 279 -22.48 23.69 30.32
CA ASP D 279 -22.02 23.18 31.61
C ASP D 279 -22.39 24.12 32.73
#